data_3UTP
#
_entry.id   3UTP
#
_cell.length_a   192.030
_cell.length_b   43.260
_cell.length_c   124.710
_cell.angle_alpha   90.000
_cell.angle_beta   101.250
_cell.angle_gamma   90.000
#
_symmetry.space_group_name_H-M   'C 1 2 1'
#
loop_
_entity.id
_entity.type
_entity.pdbx_description
1 polymer '1E6 TCR alpha chain'
2 polymer '1E6 TCR beta chain'
3 non-polymer GLYCEROL
4 non-polymer 'SULFATE ION'
5 non-polymer 2-[BIS-(2-HYDROXY-ETHYL)-AMINO]-2-HYDROXYMETHYL-PROPANE-1,3-DIOL
6 water water
#
loop_
_entity_poly.entity_id
_entity_poly.type
_entity_poly.pdbx_seq_one_letter_code
_entity_poly.pdbx_strand_id
1 'polypeptide(L)'
;KEVEQDPGPLSVPEGAIVSLNCTYSNSAFQYFMWYRQYSRKGPELLMYTYSSGNKEDGRFTAQVDKSSKYISLFIRDSQP
SDSATYLCAMRGDSSYKLIFGSGTRLLVRPDIQNPDPAVYQLRDSKSSDKSVCLFTDFDSQTNVSQSKDSDVYITDKCVL
DMRSMDFKSNSAVAWSNKSDFACANAFNNSIIPEDTFFPSP
;
D,K
2 'polypeptide(L)'
;DAGVIQSPRHEVTEMGQQVTLRCKPISGHDYLFWYRQTMMRGLELLIYFNNNVPIDDSGMPEDRFSAKMPNASFSTLKIQ
PSEPRDSAVYFCASSLWEKLAKNIQYFGAGTRLSVLEDLKNVFPPEVAVFEPSEAEISHTQKATLVCLATGFYPDHVELS
WWVNGKEVHSGVCTDPQPLKEQPALNDSRYALSSRLRVSATFWQDPRNHFRCQVQFYGLSENDEWTQDRAKPVTQIVSAE
AWGRAD
;
E,L
#
# COMPACT_ATOMS: atom_id res chain seq x y z
N LYS A 1 20.94 0.83 7.51
CA LYS A 1 20.01 0.66 8.68
C LYS A 1 18.85 1.67 8.61
N GLU A 2 18.02 1.57 7.56
CA GLU A 2 16.88 2.47 7.36
C GLU A 2 15.68 1.70 6.83
N VAL A 3 14.50 1.99 7.36
CA VAL A 3 13.31 1.28 6.98
C VAL A 3 12.26 2.25 6.49
N GLU A 4 11.52 1.84 5.46
CA GLU A 4 10.48 2.70 4.86
C GLU A 4 9.09 2.34 5.35
N GLN A 5 8.28 3.35 5.61
CA GLN A 5 6.93 3.15 6.08
C GLN A 5 6.12 4.39 5.80
N ASP A 6 5.03 4.23 5.05
CA ASP A 6 4.13 5.35 4.75
C ASP A 6 3.42 5.76 6.05
N PRO A 7 3.51 7.05 6.41
CA PRO A 7 2.94 7.54 7.67
C PRO A 7 1.43 7.63 7.68
N GLY A 8 0.80 7.61 6.51
CA GLY A 8 -0.63 7.75 6.42
C GLY A 8 -1.00 9.21 6.55
N PRO A 9 -1.99 9.53 7.40
CA PRO A 9 -2.75 8.57 8.23
C PRO A 9 -3.87 7.95 7.50
N LEU A 10 -3.97 6.66 7.53
CA LEU A 10 -5.06 6.01 6.87
C LEU A 10 -6.29 5.97 7.77
N SER A 11 -7.45 6.27 7.21
CA SER A 11 -8.69 6.27 7.94
C SER A 11 -9.59 5.19 7.33
N VAL A 12 -10.01 4.22 8.14
CA VAL A 12 -10.86 3.10 7.66
C VAL A 12 -12.09 2.98 8.53
N PRO A 13 -13.17 2.39 7.98
CA PRO A 13 -14.40 2.22 8.77
C PRO A 13 -14.40 0.97 9.65
N GLU A 14 -14.97 1.06 10.84
CA GLU A 14 -15.02 -0.08 11.77
C GLU A 14 -15.42 -1.32 11.01
N GLY A 15 -14.63 -2.39 11.15
CA GLY A 15 -14.93 -3.64 10.47
C GLY A 15 -14.07 -3.84 9.22
N ALA A 16 -13.48 -2.77 8.73
CA ALA A 16 -12.63 -2.87 7.56
C ALA A 16 -11.35 -3.59 7.89
N ILE A 17 -10.80 -4.29 6.90
CA ILE A 17 -9.49 -4.91 7.04
C ILE A 17 -8.48 -3.86 6.72
N VAL A 18 -7.41 -3.80 7.48
CA VAL A 18 -6.37 -2.85 7.22
C VAL A 18 -5.05 -3.51 7.04
N SER A 19 -4.23 -2.91 6.18
CA SER A 19 -2.91 -3.43 5.91
C SER A 19 -1.85 -2.39 6.15
N LEU A 20 -0.91 -2.72 7.02
CA LEU A 20 0.22 -1.84 7.30
C LEU A 20 1.46 -2.56 6.85
N ASN A 21 2.50 -1.83 6.50
CA ASN A 21 3.71 -2.45 6.03
C ASN A 21 4.91 -1.58 5.94
N CYS A 22 6.07 -2.22 6.06
CA CYS A 22 7.34 -1.58 5.97
C CYS A 22 8.18 -2.30 4.96
N THR A 23 9.19 -1.62 4.46
CA THR A 23 10.15 -2.21 3.55
C THR A 23 11.51 -1.76 4.00
N TYR A 24 12.51 -2.56 3.73
CA TYR A 24 13.89 -2.22 4.12
C TYR A 24 14.87 -2.69 3.04
N SER A 25 16.14 -2.38 3.20
CA SER A 25 17.16 -2.75 2.18
C SER A 25 18.31 -3.62 2.75
N ASN A 26 18.56 -3.49 4.04
CA ASN A 26 19.62 -4.27 4.70
C ASN A 26 19.16 -5.74 4.95
N SER A 27 19.84 -6.70 4.33
CA SER A 27 19.49 -8.13 4.52
C SER A 27 19.89 -8.63 5.92
N ALA A 28 20.72 -7.85 6.60
CA ALA A 28 21.17 -8.20 7.94
C ALA A 28 19.99 -8.30 8.94
N PHE A 29 18.91 -7.55 8.69
CA PHE A 29 17.73 -7.59 9.58
C PHE A 29 17.13 -8.96 9.55
N GLN A 30 17.07 -9.61 10.70
CA GLN A 30 16.62 -10.98 10.76
C GLN A 30 15.42 -11.18 11.73
N TYR A 31 15.08 -10.15 12.49
CA TYR A 31 13.96 -10.22 13.42
C TYR A 31 13.03 -9.01 13.20
N PHE A 32 11.72 -9.25 13.29
CA PHE A 32 10.73 -8.20 13.00
C PHE A 32 9.53 -8.26 13.92
N MET A 33 9.10 -7.10 14.39
CA MET A 33 8.00 -7.03 15.28
C MET A 33 7.31 -5.71 15.20
N TRP A 34 6.00 -5.76 15.36
CA TRP A 34 5.19 -4.59 15.31
C TRP A 34 4.86 -4.08 16.67
N TYR A 35 5.03 -2.79 16.86
CA TYR A 35 4.66 -2.14 18.08
C TYR A 35 3.46 -1.27 17.80
N ARG A 36 2.72 -0.96 18.84
CA ARG A 36 1.56 -0.11 18.72
C ARG A 36 1.71 1.03 19.69
N GLN A 37 1.44 2.25 19.25
CA GLN A 37 1.56 3.43 20.13
C GLN A 37 0.30 4.24 20.17
N TYR A 38 -0.27 4.35 21.35
CA TYR A 38 -1.47 5.15 21.52
C TYR A 38 -1.08 6.59 21.78
N SER A 39 -1.92 7.53 21.35
CA SER A 39 -1.61 8.98 21.47
C SER A 39 -1.08 9.34 22.85
N ARG A 40 0.06 10.00 22.88
CA ARG A 40 0.65 10.47 24.13
C ARG A 40 0.99 9.31 25.08
N LYS A 41 1.33 8.16 24.49
CA LYS A 41 1.76 6.99 25.28
C LYS A 41 3.03 6.42 24.71
N GLY A 42 3.62 5.46 25.42
CA GLY A 42 4.82 4.78 24.96
C GLY A 42 4.44 3.64 24.06
N PRO A 43 5.38 3.19 23.19
CA PRO A 43 5.10 2.06 22.30
C PRO A 43 4.95 0.78 23.06
N GLU A 44 4.00 -0.04 22.67
CA GLU A 44 3.84 -1.32 23.30
C GLU A 44 3.83 -2.43 22.25
N LEU A 45 4.56 -3.50 22.55
CA LEU A 45 4.65 -4.63 21.68
C LEU A 45 3.28 -5.15 21.34
N LEU A 46 3.15 -5.64 20.13
CA LEU A 46 1.90 -6.16 19.63
C LEU A 46 2.15 -7.56 19.06
N MET A 47 3.03 -7.62 18.03
CA MET A 47 3.40 -8.88 17.34
C MET A 47 4.94 -8.93 17.12
N TYR A 48 5.44 -10.13 16.82
CA TYR A 48 6.86 -10.33 16.49
C TYR A 48 7.00 -11.65 15.74
N THR A 49 7.99 -11.72 14.84
CA THR A 49 8.20 -12.94 14.02
C THR A 49 9.65 -13.11 13.58
N TYR A 50 10.06 -14.36 13.36
CA TYR A 50 11.45 -14.67 12.96
C TYR A 50 11.48 -15.19 11.52
N SER A 51 12.50 -14.79 10.77
CA SER A 51 12.68 -15.24 9.37
C SER A 51 11.38 -15.06 8.55
N SER A 52 11.15 -15.95 7.58
CA SER A 52 9.96 -15.91 6.73
C SER A 52 8.83 -16.76 7.32
N GLY A 53 7.60 -16.26 7.25
CA GLY A 53 6.42 -16.95 7.79
C GLY A 53 5.34 -15.97 8.18
N ASN A 54 4.21 -16.48 8.65
CA ASN A 54 3.07 -15.62 9.04
C ASN A 54 2.41 -16.00 10.40
N LYS A 55 2.66 -15.17 11.41
CA LYS A 55 2.12 -15.38 12.75
C LYS A 55 0.70 -14.79 12.86
N GLU A 56 -0.28 -15.61 13.24
CA GLU A 56 -1.69 -15.16 13.37
C GLU A 56 -2.17 -15.18 14.83
N ASP A 57 -2.50 -14.00 15.37
CA ASP A 57 -3.02 -13.88 16.76
C ASP A 57 -4.36 -13.12 16.76
N GLY A 58 -5.45 -13.88 16.86
CA GLY A 58 -6.77 -13.30 16.88
C GLY A 58 -7.08 -12.59 15.57
N ARG A 59 -7.23 -11.27 15.65
CA ARG A 59 -7.57 -10.47 14.51
C ARG A 59 -6.34 -9.94 13.79
N PHE A 60 -5.16 -10.29 14.28
CA PHE A 60 -3.91 -9.77 13.71
C PHE A 60 -3.06 -10.85 13.06
N THR A 61 -2.55 -10.55 11.87
CA THR A 61 -1.66 -11.45 11.18
C THR A 61 -0.44 -10.71 10.74
N ALA A 62 0.73 -11.10 11.22
CA ALA A 62 1.99 -10.45 10.86
C ALA A 62 2.76 -11.32 9.92
N GLN A 63 3.40 -10.70 8.91
CA GLN A 63 4.18 -11.45 7.90
C GLN A 63 5.46 -10.80 7.62
N VAL A 64 6.37 -11.56 7.06
CA VAL A 64 7.66 -11.08 6.69
C VAL A 64 8.12 -11.85 5.47
N ASP A 65 8.82 -11.16 4.59
CA ASP A 65 9.31 -11.78 3.38
C ASP A 65 10.68 -11.27 3.11
N LYS A 66 11.67 -12.03 3.55
CA LYS A 66 13.06 -11.64 3.41
C LYS A 66 13.51 -11.39 1.93
N SER A 67 12.92 -12.11 0.98
CA SER A 67 13.29 -11.93 -0.43
C SER A 67 12.86 -10.58 -0.90
N SER A 68 11.59 -10.25 -0.69
CA SER A 68 11.08 -8.95 -1.07
C SER A 68 11.49 -7.87 -0.04
N LYS A 69 12.11 -8.29 1.07
CA LYS A 69 12.42 -7.38 2.17
C LYS A 69 11.19 -6.52 2.44
N TYR A 70 10.14 -7.19 2.93
CA TYR A 70 8.84 -6.58 3.05
C TYR A 70 8.09 -7.21 4.22
N ILE A 71 7.56 -6.37 5.11
CA ILE A 71 6.85 -6.86 6.31
C ILE A 71 5.48 -6.23 6.38
N SER A 72 4.49 -7.01 6.79
CA SER A 72 3.13 -6.48 6.83
C SER A 72 2.37 -6.90 8.03
N LEU A 73 1.35 -6.12 8.34
CA LEU A 73 0.49 -6.36 9.46
C LEU A 73 -0.91 -6.16 8.99
N PHE A 74 -1.72 -7.18 9.13
CA PHE A 74 -3.11 -7.11 8.74
C PHE A 74 -3.99 -7.14 9.95
N ILE A 75 -4.91 -6.21 10.02
CA ILE A 75 -5.87 -6.17 11.07
C ILE A 75 -7.22 -6.37 10.44
N ARG A 76 -7.91 -7.44 10.81
CA ARG A 76 -9.20 -7.67 10.26
C ARG A 76 -10.27 -7.28 11.26
N ASP A 77 -11.43 -6.87 10.74
CA ASP A 77 -12.56 -6.41 11.59
C ASP A 77 -12.10 -5.27 12.51
N SER A 78 -11.35 -4.33 11.94
CA SER A 78 -10.85 -3.17 12.66
C SER A 78 -11.82 -2.62 13.68
N GLN A 79 -11.31 -2.34 14.89
CA GLN A 79 -12.12 -1.83 15.98
C GLN A 79 -11.61 -0.44 16.38
N PRO A 80 -12.51 0.43 16.86
CA PRO A 80 -12.07 1.75 17.30
C PRO A 80 -10.82 1.70 18.18
N SER A 81 -10.80 0.77 19.13
CA SER A 81 -9.66 0.62 20.05
C SER A 81 -8.35 0.39 19.31
N ASP A 82 -8.43 0.13 18.01
CA ASP A 82 -7.24 -0.08 17.19
C ASP A 82 -6.63 1.18 16.68
N SER A 83 -7.31 2.31 16.88
CA SER A 83 -6.77 3.59 16.41
C SER A 83 -5.51 3.94 17.15
N ALA A 84 -4.40 3.98 16.41
CA ALA A 84 -3.10 4.27 16.96
C ALA A 84 -2.06 4.33 15.86
N THR A 85 -0.79 4.53 16.25
CA THR A 85 0.31 4.49 15.30
C THR A 85 1.01 3.17 15.44
N TYR A 86 1.21 2.49 14.32
CA TYR A 86 1.88 1.19 14.32
C TYR A 86 3.30 1.34 13.78
N LEU A 87 4.27 0.80 14.51
CA LEU A 87 5.68 0.94 14.18
C LEU A 87 6.29 -0.41 14.02
N CYS A 88 6.94 -0.63 12.90
CA CYS A 88 7.64 -1.87 12.68
C CYS A 88 9.04 -1.70 13.22
N ALA A 89 9.52 -2.68 13.95
CA ALA A 89 10.82 -2.63 14.52
C ALA A 89 11.56 -3.86 14.12
N MET A 90 12.78 -3.67 13.65
CA MET A 90 13.56 -4.77 13.20
C MET A 90 14.99 -4.65 13.64
N ARG A 91 15.71 -5.78 13.64
CA ARG A 91 17.10 -5.81 14.05
C ARG A 91 17.81 -7.04 13.52
N GLY A 92 19.12 -7.06 13.68
CA GLY A 92 19.95 -8.21 13.29
C GLY A 92 20.36 -9.02 14.53
N ASP A 93 21.23 -9.99 14.33
CA ASP A 93 21.65 -10.85 15.44
C ASP A 93 22.91 -10.34 16.15
N SER A 94 23.57 -9.35 15.57
CA SER A 94 24.80 -8.81 16.15
C SER A 94 24.56 -7.68 17.17
N SER A 95 23.30 -7.47 17.55
CA SER A 95 22.96 -6.41 18.52
C SER A 95 21.48 -6.42 18.85
N TYR A 96 21.14 -6.05 20.08
CA TYR A 96 19.72 -5.98 20.46
C TYR A 96 19.14 -4.63 20.08
N LYS A 97 19.95 -3.78 19.44
CA LYS A 97 19.50 -2.47 18.99
C LYS A 97 18.40 -2.62 17.98
N LEU A 98 17.24 -1.99 18.25
CA LEU A 98 16.11 -2.03 17.31
C LEU A 98 16.12 -0.83 16.42
N ILE A 99 15.69 -1.02 15.20
CA ILE A 99 15.53 0.07 14.27
C ILE A 99 14.07 0.15 13.97
N PHE A 100 13.51 1.34 14.07
CA PHE A 100 12.08 1.51 13.86
C PHE A 100 11.79 2.25 12.61
N GLY A 101 10.56 2.11 12.14
CA GLY A 101 10.07 2.88 11.05
C GLY A 101 9.32 4.06 11.62
N SER A 102 9.14 5.10 10.81
CA SER A 102 8.46 6.29 11.26
C SER A 102 7.09 5.95 11.87
N GLY A 103 6.43 4.94 11.36
CA GLY A 103 5.13 4.49 11.90
C GLY A 103 3.96 5.01 11.09
N THR A 104 2.86 4.25 11.09
CA THR A 104 1.66 4.64 10.37
C THR A 104 0.49 4.90 11.33
N ARG A 105 -0.14 6.07 11.18
CA ARG A 105 -1.31 6.40 11.97
C ARG A 105 -2.52 5.78 11.34
N LEU A 106 -3.29 5.07 12.14
CA LEU A 106 -4.49 4.46 11.70
C LEU A 106 -5.64 4.99 12.52
N LEU A 107 -6.65 5.51 11.85
CA LEU A 107 -7.85 5.94 12.49
C LEU A 107 -8.95 5.08 11.98
N VAL A 108 -9.46 4.19 12.84
CA VAL A 108 -10.58 3.38 12.47
C VAL A 108 -11.80 4.08 13.02
N ARG A 109 -12.74 4.42 12.12
CA ARG A 109 -13.94 5.24 12.48
C ARG A 109 -15.11 4.43 13.09
N PRO A 110 -15.57 4.82 14.27
CA PRO A 110 -16.69 4.12 14.89
C PRO A 110 -17.90 4.06 13.99
N ASP A 111 -18.54 2.91 13.99
CA ASP A 111 -19.75 2.72 13.21
C ASP A 111 -20.97 3.17 14.04
N ILE A 112 -21.50 4.34 13.72
CA ILE A 112 -22.65 4.90 14.44
C ILE A 112 -23.99 4.40 13.82
N GLN A 113 -24.71 3.57 14.58
CA GLN A 113 -25.94 2.91 14.09
C GLN A 113 -27.09 3.87 13.63
N ASN A 114 -27.39 4.90 14.42
CA ASN A 114 -28.48 5.83 14.07
C ASN A 114 -28.01 7.29 13.96
N PRO A 115 -27.69 7.72 12.73
CA PRO A 115 -27.27 9.08 12.49
C PRO A 115 -28.42 10.07 12.54
N ASP A 116 -28.14 11.28 12.98
CA ASP A 116 -29.15 12.32 13.05
C ASP A 116 -28.48 13.67 12.83
N PRO A 117 -27.81 13.83 11.67
CA PRO A 117 -27.06 15.04 11.33
C PRO A 117 -27.77 16.33 11.70
N ALA A 118 -27.08 17.20 12.45
CA ALA A 118 -27.65 18.46 12.90
C ALA A 118 -26.56 19.38 13.40
N VAL A 119 -26.76 20.69 13.23
CA VAL A 119 -25.80 21.69 13.71
C VAL A 119 -26.51 22.64 14.68
N TYR A 120 -25.94 22.83 15.86
CA TYR A 120 -26.56 23.66 16.88
C TYR A 120 -25.68 24.84 17.29
N GLN A 121 -26.30 25.81 17.99
CA GLN A 121 -25.55 26.92 18.60
C GLN A 121 -25.55 26.77 20.09
N LEU A 122 -24.36 26.85 20.69
CA LEU A 122 -24.23 26.80 22.12
C LEU A 122 -23.86 28.18 22.62
N ARG A 123 -24.56 28.65 23.65
CA ARG A 123 -24.28 29.98 24.22
C ARG A 123 -23.09 29.94 25.17
N ASP A 124 -22.38 31.06 25.25
CA ASP A 124 -21.24 31.18 26.16
C ASP A 124 -21.76 31.21 27.58
N SER A 125 -21.05 30.53 28.48
CA SER A 125 -21.47 30.50 29.88
C SER A 125 -21.05 31.79 30.59
N LYS A 126 -21.68 32.10 31.72
CA LYS A 126 -21.38 33.31 32.48
C LYS A 126 -21.39 34.56 31.56
N SER A 127 -20.32 34.75 30.78
CA SER A 127 -20.23 35.88 29.84
C SER A 127 -18.96 35.80 28.98
N SER A 128 -19.14 35.39 27.74
CA SER A 128 -18.06 35.33 26.77
C SER A 128 -18.69 35.60 25.41
N ASP A 129 -17.91 36.11 24.47
CA ASP A 129 -18.47 36.44 23.16
C ASP A 129 -17.72 35.82 21.99
N LYS A 130 -18.29 34.74 21.46
CA LYS A 130 -17.76 34.07 20.29
C LYS A 130 -18.64 32.87 19.99
N SER A 131 -19.45 33.01 18.95
CA SER A 131 -20.35 31.95 18.59
C SER A 131 -19.59 30.61 18.60
N VAL A 132 -20.29 29.56 18.98
CA VAL A 132 -19.73 28.23 19.03
C VAL A 132 -20.75 27.25 18.43
N CYS A 133 -20.46 26.77 17.21
CA CYS A 133 -21.38 25.88 16.47
C CYS A 133 -20.99 24.42 16.61
N LEU A 134 -21.97 23.59 16.92
CA LEU A 134 -21.73 22.16 17.07
C LEU A 134 -22.40 21.40 15.95
N PHE A 135 -21.63 20.57 15.27
CA PHE A 135 -22.15 19.66 14.24
C PHE A 135 -22.07 18.28 14.83
N THR A 136 -23.21 17.61 15.02
CA THR A 136 -23.21 16.34 15.73
C THR A 136 -24.12 15.27 15.15
N ASP A 137 -23.94 14.04 15.67
CA ASP A 137 -24.78 12.88 15.29
C ASP A 137 -24.76 12.54 13.82
N PHE A 138 -23.66 12.90 13.14
CA PHE A 138 -23.51 12.57 11.72
C PHE A 138 -22.73 11.24 11.59
N ASP A 139 -22.86 10.59 10.44
CA ASP A 139 -22.21 9.31 10.21
C ASP A 139 -20.73 9.48 9.97
N SER A 140 -19.97 8.41 10.21
CA SER A 140 -18.52 8.44 10.06
C SER A 140 -18.05 8.49 8.58
N GLN A 141 -18.98 8.31 7.64
CA GLN A 141 -18.64 8.40 6.24
C GLN A 141 -18.62 9.89 5.80
N THR A 142 -18.53 10.79 6.77
CA THR A 142 -18.54 12.24 6.51
C THR A 142 -17.24 12.90 6.92
N ASN A 143 -16.65 13.68 6.02
CA ASN A 143 -15.40 14.43 6.31
C ASN A 143 -15.68 15.89 6.64
N VAL A 144 -14.94 16.41 7.60
CA VAL A 144 -15.05 17.81 7.98
C VAL A 144 -13.80 18.56 7.53
N SER A 145 -13.95 19.44 6.54
CA SER A 145 -12.81 20.21 6.04
C SER A 145 -12.60 21.50 6.84
N GLN A 146 -11.43 22.12 6.65
CA GLN A 146 -11.07 23.35 7.34
C GLN A 146 -11.75 24.54 6.68
N SER A 147 -12.01 25.59 7.45
CA SER A 147 -12.65 26.78 6.92
C SER A 147 -11.68 27.53 6.00
N LYS A 148 -12.24 28.23 5.00
CA LYS A 148 -11.43 28.96 4.02
C LYS A 148 -10.42 29.93 4.69
N ASP A 149 -10.92 30.83 5.54
CA ASP A 149 -10.05 31.77 6.25
C ASP A 149 -9.65 31.21 7.63
N SER A 150 -8.81 31.93 8.36
CA SER A 150 -8.29 31.45 9.66
C SER A 150 -9.07 31.97 10.89
N ASP A 151 -9.88 33.02 10.71
CA ASP A 151 -10.70 33.57 11.84
C ASP A 151 -11.76 32.59 12.28
N VAL A 152 -12.09 31.64 11.40
CA VAL A 152 -13.05 30.60 11.72
C VAL A 152 -12.29 29.32 12.00
N TYR A 153 -12.27 28.91 13.27
CA TYR A 153 -11.54 27.73 13.67
C TYR A 153 -12.44 26.52 13.68
N ILE A 154 -11.88 25.37 13.27
CA ILE A 154 -12.65 24.12 13.17
C ILE A 154 -11.82 22.91 13.62
N THR A 155 -12.45 22.02 14.40
CA THR A 155 -11.78 20.80 14.90
C THR A 155 -12.38 19.60 14.20
N ASP A 156 -11.53 18.64 13.83
CA ASP A 156 -11.97 17.41 13.11
C ASP A 156 -13.01 16.62 13.93
N LYS A 157 -13.60 15.60 13.30
CA LYS A 157 -14.63 14.80 13.97
C LYS A 157 -14.04 14.12 15.18
N CYS A 158 -14.89 13.79 16.14
CA CYS A 158 -14.49 13.19 17.40
C CYS A 158 -15.68 12.38 17.94
N VAL A 159 -15.44 11.13 18.28
CA VAL A 159 -16.51 10.26 18.74
C VAL A 159 -16.55 10.07 20.24
N LEU A 160 -17.71 10.31 20.82
CA LEU A 160 -17.91 10.12 22.24
C LEU A 160 -18.81 8.91 22.45
N ASP A 161 -18.65 8.25 23.58
CA ASP A 161 -19.41 7.05 23.88
C ASP A 161 -20.10 7.15 25.23
N MET A 162 -21.42 7.11 25.22
CA MET A 162 -22.21 7.07 26.45
C MET A 162 -22.47 5.59 26.77
N ARG A 163 -21.50 4.95 27.44
CA ARG A 163 -21.56 3.50 27.71
C ARG A 163 -22.84 3.08 28.48
N SER A 164 -23.38 3.99 29.28
CA SER A 164 -24.58 3.71 30.09
C SER A 164 -25.81 3.40 29.21
N MET A 165 -25.82 3.89 27.97
CA MET A 165 -26.97 3.71 27.07
C MET A 165 -26.61 2.97 25.75
N ASP A 166 -25.37 2.43 25.65
CA ASP A 166 -24.91 1.75 24.41
C ASP A 166 -25.19 2.67 23.22
N PHE A 167 -24.67 3.89 23.31
CA PHE A 167 -24.89 4.91 22.31
C PHE A 167 -23.65 5.73 22.13
N LYS A 168 -23.29 6.01 20.88
CA LYS A 168 -22.11 6.83 20.57
C LYS A 168 -22.40 7.75 19.39
N SER A 169 -21.65 8.85 19.28
CA SER A 169 -21.88 9.82 18.21
C SER A 169 -20.63 10.61 17.92
N ASN A 170 -20.69 11.40 16.86
CA ASN A 170 -19.58 12.23 16.45
C ASN A 170 -19.90 13.68 16.70
N SER A 171 -18.92 14.53 16.45
CA SER A 171 -19.12 15.96 16.59
C SER A 171 -17.86 16.74 16.20
N ALA A 172 -18.07 17.83 15.50
CA ALA A 172 -17.00 18.72 15.14
C ALA A 172 -17.39 20.12 15.64
N VAL A 173 -16.41 20.93 16.03
CA VAL A 173 -16.69 22.25 16.60
C VAL A 173 -16.10 23.36 15.76
N ALA A 174 -16.85 24.45 15.64
CA ALA A 174 -16.40 25.63 14.91
C ALA A 174 -16.75 26.86 15.69
N TRP A 175 -15.76 27.71 15.93
CA TRP A 175 -15.99 28.94 16.66
C TRP A 175 -15.25 30.08 15.99
N SER A 176 -15.70 31.30 16.26
CA SER A 176 -15.06 32.48 15.74
C SER A 176 -15.53 33.70 16.46
N ASN A 177 -14.69 34.72 16.47
CA ASN A 177 -15.03 36.00 17.08
C ASN A 177 -15.60 36.96 16.02
N LYS A 178 -15.48 36.55 14.76
CA LYS A 178 -15.93 37.35 13.63
C LYS A 178 -17.46 37.57 13.67
N SER A 179 -17.88 38.76 13.28
CA SER A 179 -19.29 39.15 13.31
C SER A 179 -20.16 38.34 12.32
N ASP A 180 -19.80 38.40 11.03
CA ASP A 180 -20.59 37.71 9.98
C ASP A 180 -20.73 36.19 10.25
N PHE A 181 -19.83 35.64 11.06
CA PHE A 181 -19.84 34.21 11.37
C PHE A 181 -21.09 33.78 12.12
N ALA A 182 -21.82 32.83 11.55
CA ALA A 182 -23.01 32.28 12.17
C ALA A 182 -23.17 30.81 11.73
N CYS A 183 -23.82 30.01 12.58
CA CYS A 183 -24.07 28.62 12.25
C CYS A 183 -25.05 28.62 11.09
N ALA A 184 -25.03 27.54 10.31
CA ALA A 184 -25.89 27.45 9.11
C ALA A 184 -24.98 27.50 7.90
N ASN A 185 -24.07 28.47 7.89
CA ASN A 185 -23.03 28.57 6.87
C ASN A 185 -21.67 28.39 7.54
N ALA A 186 -21.68 27.72 8.69
CA ALA A 186 -20.49 27.52 9.48
C ALA A 186 -19.58 26.47 8.88
N PHE A 187 -20.18 25.45 8.26
CA PHE A 187 -19.41 24.32 7.71
C PHE A 187 -19.39 24.29 6.16
N ASN A 188 -19.98 25.31 5.53
CA ASN A 188 -20.05 25.42 4.03
C ASN A 188 -19.00 24.62 3.29
N ASN A 189 -17.74 24.79 3.68
CA ASN A 189 -16.62 24.15 3.00
C ASN A 189 -16.52 22.62 3.27
N SER A 190 -17.55 22.05 3.88
CA SER A 190 -17.59 20.62 4.13
C SER A 190 -18.77 19.99 3.46
N ILE A 191 -18.59 18.78 2.95
CA ILE A 191 -19.66 18.04 2.34
C ILE A 191 -20.46 17.36 3.44
N ILE A 192 -21.53 18.01 3.84
CA ILE A 192 -22.39 17.50 4.90
C ILE A 192 -23.71 17.00 4.34
N PRO A 193 -24.36 16.07 5.05
CA PRO A 193 -25.66 15.58 4.63
C PRO A 193 -26.73 16.69 4.57
N GLU A 194 -27.96 16.31 4.21
CA GLU A 194 -29.08 17.24 4.04
C GLU A 194 -29.52 18.04 5.32
N ASP A 195 -29.38 17.42 6.49
CA ASP A 195 -29.90 18.01 7.76
C ASP A 195 -29.15 19.23 8.34
N THR A 196 -29.93 20.21 8.80
CA THR A 196 -29.42 21.44 9.46
C THR A 196 -30.61 22.13 10.15
N PHE A 197 -30.33 22.93 11.17
CA PHE A 197 -31.41 23.63 11.91
C PHE A 197 -31.04 25.08 12.21
N PHE A 198 -31.99 25.84 12.77
CA PHE A 198 -31.75 27.23 13.10
C PHE A 198 -32.78 27.75 14.12
N PRO A 199 -32.29 28.45 15.18
CA PRO A 199 -33.18 29.00 16.23
C PRO A 199 -33.81 30.34 15.82
N ASP B 1 4.63 -5.92 37.29
CA ASP B 1 3.54 -5.07 37.83
C ASP B 1 3.90 -3.59 37.61
N ALA B 2 4.90 -3.12 38.35
CA ALA B 2 5.36 -1.76 38.19
C ALA B 2 6.23 -1.70 36.97
N GLY B 3 5.79 -0.96 35.96
CA GLY B 3 6.53 -0.85 34.71
C GLY B 3 7.74 0.06 34.82
N VAL B 4 8.18 0.56 33.68
CA VAL B 4 9.26 1.50 33.66
C VAL B 4 8.76 2.86 34.10
N ILE B 5 9.47 3.50 35.01
CA ILE B 5 9.08 4.85 35.47
C ILE B 5 10.05 5.88 34.95
N GLN B 6 9.50 6.94 34.31
CA GLN B 6 10.34 8.07 33.79
C GLN B 6 9.96 9.36 34.45
N SER B 7 10.93 10.26 34.57
CA SER B 7 10.69 11.55 35.18
C SER B 7 11.60 12.64 34.59
N PRO B 8 11.07 13.83 34.42
CA PRO B 8 9.68 14.15 34.69
C PRO B 8 8.85 13.83 33.47
N ARG B 9 7.53 13.97 33.57
CA ARG B 9 6.66 13.66 32.44
C ARG B 9 6.75 14.76 31.39
N HIS B 10 6.77 16.01 31.86
CA HIS B 10 6.85 17.16 30.98
C HIS B 10 8.02 18.02 31.40
N GLU B 11 8.57 18.76 30.46
CA GLU B 11 9.70 19.59 30.73
C GLU B 11 9.81 20.72 29.74
N VAL B 12 9.31 21.89 30.12
CA VAL B 12 9.43 23.07 29.31
C VAL B 12 10.54 23.93 29.90
N THR B 13 11.48 24.37 29.06
CA THR B 13 12.60 25.17 29.53
C THR B 13 13.22 26.07 28.44
N GLU B 14 13.98 27.07 28.88
CA GLU B 14 14.66 27.98 27.99
C GLU B 14 15.99 27.38 27.55
N MET B 15 16.44 27.71 26.34
CA MET B 15 17.71 27.18 25.81
C MET B 15 18.88 27.63 26.69
N GLY B 16 20.00 26.90 26.61
CA GLY B 16 21.18 27.21 27.40
C GLY B 16 21.13 26.65 28.84
N GLN B 17 19.99 26.07 29.21
CA GLN B 17 19.83 25.50 30.55
C GLN B 17 20.05 24.00 30.49
N GLN B 18 20.53 23.43 31.59
CA GLN B 18 20.73 21.98 31.65
C GLN B 18 19.40 21.29 31.89
N VAL B 19 19.22 20.14 31.28
CA VAL B 19 18.00 19.35 31.48
C VAL B 19 18.42 17.94 31.82
N THR B 20 17.78 17.39 32.82
CA THR B 20 18.12 16.06 33.27
C THR B 20 16.92 15.18 33.29
N LEU B 21 16.90 14.18 32.43
CA LEU B 21 15.82 13.20 32.39
C LEU B 21 16.28 11.94 33.14
N ARG B 22 15.40 11.37 33.97
CA ARG B 22 15.73 10.14 34.69
C ARG B 22 14.76 9.02 34.41
N CYS B 23 15.26 7.80 34.54
CA CYS B 23 14.49 6.65 34.28
C CYS B 23 14.83 5.55 35.25
N LYS B 24 13.81 4.80 35.65
CA LYS B 24 13.99 3.67 36.53
C LYS B 24 13.43 2.45 35.84
N PRO B 25 14.29 1.52 35.43
CA PRO B 25 13.81 0.39 34.70
C PRO B 25 13.07 -0.61 35.61
N ILE B 26 12.56 -1.67 35.01
CA ILE B 26 11.83 -2.68 35.77
C ILE B 26 12.83 -3.55 36.55
N SER B 27 12.48 -3.88 37.79
CA SER B 27 13.33 -4.70 38.63
C SER B 27 13.76 -5.95 37.91
N GLY B 28 15.06 -6.26 38.02
CA GLY B 28 15.62 -7.46 37.40
C GLY B 28 16.27 -7.17 36.05
N HIS B 29 15.55 -6.45 35.21
CA HIS B 29 16.02 -6.10 33.88
C HIS B 29 17.43 -5.52 33.93
N ASP B 30 18.34 -6.11 33.13
CA ASP B 30 19.74 -5.65 33.09
C ASP B 30 20.07 -4.89 31.78
N TYR B 31 19.06 -4.63 30.97
CA TYR B 31 19.25 -3.81 29.75
C TYR B 31 18.39 -2.58 29.83
N LEU B 32 18.96 -1.43 29.51
CA LEU B 32 18.21 -0.16 29.55
C LEU B 32 18.53 0.68 28.35
N PHE B 33 17.51 1.04 27.59
CA PHE B 33 17.65 1.81 26.36
C PHE B 33 17.05 3.19 26.53
N TRP B 34 17.60 4.15 25.79
CA TRP B 34 17.08 5.51 25.70
C TRP B 34 16.73 5.83 24.24
N TYR B 35 15.52 6.32 24.00
CA TYR B 35 15.10 6.73 22.65
C TYR B 35 14.64 8.16 22.63
N ARG B 36 14.56 8.75 21.44
CA ARG B 36 13.91 10.06 21.26
C ARG B 36 12.88 9.89 20.11
N GLN B 37 11.84 10.69 20.11
CA GLN B 37 10.83 10.59 19.07
C GLN B 37 10.37 11.96 18.59
N THR B 38 10.41 12.16 17.28
CA THR B 38 9.97 13.41 16.68
C THR B 38 9.20 13.12 15.43
N MET B 39 8.44 14.10 14.98
CA MET B 39 7.64 13.97 13.80
C MET B 39 8.52 13.75 12.55
N MET B 40 9.67 14.43 12.52
CA MET B 40 10.56 14.42 11.33
C MET B 40 11.44 13.16 11.23
N ARG B 41 12.09 12.78 12.33
CA ARG B 41 13.01 11.64 12.34
C ARG B 41 12.44 10.34 12.87
N GLY B 42 11.30 10.41 13.55
CA GLY B 42 10.66 9.22 14.10
C GLY B 42 11.25 8.78 15.43
N LEU B 43 11.08 7.50 15.76
CA LEU B 43 11.58 6.95 17.00
C LEU B 43 13.04 6.48 16.80
N GLU B 44 13.98 7.11 17.53
CA GLU B 44 15.43 6.81 17.37
C GLU B 44 16.09 6.40 18.67
N LEU B 45 16.98 5.42 18.58
CA LEU B 45 17.75 4.99 19.72
C LEU B 45 18.90 5.94 19.90
N LEU B 46 19.17 6.28 21.14
CA LEU B 46 20.27 7.16 21.46
C LEU B 46 21.44 6.35 22.06
N ILE B 47 21.10 5.51 23.05
CA ILE B 47 22.08 4.70 23.75
C ILE B 47 21.37 3.56 24.50
N TYR B 48 22.11 2.49 24.81
CA TYR B 48 21.59 1.42 25.65
C TYR B 48 22.72 0.78 26.43
N PHE B 49 22.40 0.34 27.62
CA PHE B 49 23.39 -0.22 28.50
C PHE B 49 23.11 -1.69 28.78
N ASN B 50 24.14 -2.38 29.23
CA ASN B 50 24.02 -3.74 29.70
C ASN B 50 24.76 -3.80 31.00
N ASN B 51 24.06 -4.17 32.07
CA ASN B 51 24.65 -4.19 33.40
C ASN B 51 25.43 -2.89 33.71
N ASN B 52 24.77 -1.75 33.46
CA ASN B 52 25.33 -0.41 33.73
C ASN B 52 26.44 0.03 32.76
N VAL B 53 26.89 -0.87 31.88
CA VAL B 53 27.96 -0.52 30.92
C VAL B 53 27.33 -0.24 29.55
N PRO B 54 27.49 1.00 29.05
CA PRO B 54 26.91 1.37 27.76
C PRO B 54 27.48 0.54 26.62
N ILE B 55 26.61 0.00 25.77
CA ILE B 55 27.05 -0.84 24.66
C ILE B 55 27.05 -0.05 23.33
N ASP B 56 25.97 0.68 23.06
CA ASP B 56 25.84 1.41 21.80
C ASP B 56 25.36 2.84 22.02
N ASP B 57 26.21 3.80 21.62
CA ASP B 57 25.89 5.23 21.74
C ASP B 57 25.87 5.91 20.34
N SER B 58 25.78 5.10 19.28
CA SER B 58 25.79 5.60 17.91
C SER B 58 24.78 6.73 17.65
N GLY B 59 23.61 6.63 18.25
CA GLY B 59 22.56 7.63 18.07
C GLY B 59 22.71 8.88 18.94
N MET B 60 23.68 8.87 19.86
CA MET B 60 23.91 10.03 20.72
C MET B 60 24.51 11.13 19.90
N PRO B 61 24.04 12.37 20.13
CA PRO B 61 24.68 13.49 19.42
C PRO B 61 26.11 13.69 19.93
N GLU B 62 26.67 14.88 19.76
CA GLU B 62 28.01 15.17 20.32
C GLU B 62 27.98 15.28 21.85
N ASP B 63 29.07 15.74 22.43
CA ASP B 63 29.21 15.77 23.91
C ASP B 63 28.15 16.64 24.63
N ARG B 64 27.21 17.24 23.89
CA ARG B 64 26.17 18.07 24.53
C ARG B 64 25.20 17.12 25.28
N PHE B 65 25.10 15.89 24.76
CA PHE B 65 24.30 14.86 25.37
C PHE B 65 25.20 13.95 26.18
N SER B 66 24.65 13.39 27.25
CA SER B 66 25.44 12.55 28.16
C SER B 66 24.51 11.59 28.91
N ALA B 67 24.95 10.34 29.10
CA ALA B 67 24.09 9.33 29.77
C ALA B 67 24.89 8.37 30.67
N LYS B 68 24.20 7.75 31.63
CA LYS B 68 24.84 6.76 32.51
C LYS B 68 23.88 6.10 33.50
N MET B 69 24.28 4.93 33.99
CA MET B 69 23.56 4.24 35.04
C MET B 69 24.53 4.03 36.15
N PRO B 70 24.54 4.92 37.13
CA PRO B 70 25.47 4.70 38.20
C PRO B 70 25.21 3.36 38.88
N ASN B 71 23.93 2.94 38.94
CA ASN B 71 23.58 1.65 39.49
C ASN B 71 22.49 1.00 38.65
N ALA B 72 22.22 -0.28 38.91
CA ALA B 72 21.31 -1.10 38.07
C ALA B 72 19.84 -0.72 38.09
N SER B 73 19.45 0.24 38.92
CA SER B 73 18.02 0.62 38.99
C SER B 73 17.78 2.07 38.75
N PHE B 74 18.66 2.72 38.00
CA PHE B 74 18.54 4.15 37.78
C PHE B 74 19.43 4.61 36.68
N SER B 75 18.88 5.27 35.68
CA SER B 75 19.67 5.83 34.61
C SER B 75 19.36 7.26 34.45
N THR B 76 20.28 7.98 33.84
CA THR B 76 20.10 9.39 33.64
C THR B 76 20.57 9.82 32.25
N LEU B 77 19.90 10.83 31.70
CA LEU B 77 20.26 11.41 30.41
C LEU B 77 20.33 12.92 30.60
N LYS B 78 21.51 13.49 30.35
CA LYS B 78 21.74 14.90 30.56
C LYS B 78 22.07 15.65 29.25
N ILE B 79 21.43 16.82 29.07
CA ILE B 79 21.71 17.70 27.94
C ILE B 79 22.24 19.01 28.47
N GLN B 80 23.50 19.30 28.20
CA GLN B 80 24.09 20.54 28.67
C GLN B 80 25.06 21.09 27.65
N PRO B 81 24.74 22.27 27.08
CA PRO B 81 23.51 23.06 27.29
C PRO B 81 22.41 22.69 26.30
N SER B 82 21.14 22.88 26.68
CA SER B 82 20.01 22.49 25.82
C SER B 82 19.84 23.41 24.64
N GLU B 83 19.12 22.93 23.64
CA GLU B 83 18.85 23.70 22.43
C GLU B 83 17.50 23.25 21.81
N PRO B 84 16.78 24.18 21.19
CA PRO B 84 15.45 23.93 20.59
C PRO B 84 15.32 22.61 19.79
N ARG B 85 16.35 22.30 19.00
CA ARG B 85 16.32 21.10 18.16
C ARG B 85 16.34 19.81 18.96
N ASP B 86 16.55 19.93 20.29
CA ASP B 86 16.56 18.76 21.20
C ASP B 86 15.14 18.43 21.66
N SER B 87 14.21 19.33 21.40
CA SER B 87 12.81 19.12 21.76
C SER B 87 12.29 17.82 21.16
N ALA B 88 11.64 17.01 21.99
CA ALA B 88 11.13 15.73 21.55
C ALA B 88 10.57 14.96 22.73
N VAL B 89 10.03 13.77 22.47
CA VAL B 89 9.62 12.88 23.55
C VAL B 89 10.74 11.88 23.76
N TYR B 90 11.28 11.82 24.98
CA TYR B 90 12.36 10.88 25.29
C TYR B 90 11.84 9.74 26.05
N PHE B 91 12.06 8.55 25.53
CA PHE B 91 11.55 7.34 26.14
C PHE B 91 12.64 6.56 26.72
N CYS B 92 12.36 5.96 27.85
CA CYS B 92 13.27 5.03 28.46
C CYS B 92 12.66 3.67 28.28
N ALA B 93 13.50 2.67 27.96
CA ALA B 93 13.00 1.30 27.77
C ALA B 93 13.84 0.37 28.58
N SER B 94 13.30 -0.76 28.95
CA SER B 94 14.00 -1.70 29.80
C SER B 94 13.71 -3.13 29.39
N SER B 95 14.70 -4.02 29.49
CA SER B 95 14.49 -5.45 29.13
C SER B 95 15.51 -6.42 29.73
N LEU B 96 15.33 -7.71 29.39
CA LEU B 96 16.21 -8.82 29.82
C LEU B 96 16.82 -9.46 28.59
N TRP B 97 17.80 -10.33 28.79
CA TRP B 97 18.46 -11.02 27.70
C TRP B 97 17.47 -11.90 26.93
N GLU B 98 16.76 -12.75 27.66
CA GLU B 98 15.79 -13.68 27.06
C GLU B 98 14.62 -12.99 26.36
N LYS B 99 14.20 -11.83 26.86
CA LYS B 99 13.12 -11.05 26.22
C LYS B 99 13.61 -10.38 24.92
N LEU B 100 14.83 -9.84 24.92
CA LEU B 100 15.38 -9.19 23.72
C LEU B 100 15.49 -10.17 22.57
N ALA B 101 15.57 -11.47 22.89
CA ALA B 101 15.63 -12.51 21.85
C ALA B 101 14.29 -12.57 21.13
N LYS B 102 13.22 -12.48 21.92
CA LYS B 102 11.86 -12.42 21.39
C LYS B 102 11.48 -10.95 21.14
N ASN B 103 12.48 -10.06 21.32
CA ASN B 103 12.33 -8.63 21.06
C ASN B 103 11.21 -7.96 21.83
N ILE B 104 11.28 -8.08 23.14
CA ILE B 104 10.32 -7.46 23.99
C ILE B 104 11.00 -6.46 24.89
N GLN B 105 10.76 -5.19 24.64
CA GLN B 105 11.26 -4.13 25.48
C GLN B 105 10.09 -3.49 26.14
N TYR B 106 10.26 -3.09 27.38
CA TYR B 106 9.18 -2.42 28.07
C TYR B 106 9.48 -0.96 28.16
N PHE B 107 8.61 -0.14 27.55
CA PHE B 107 8.77 1.34 27.49
C PHE B 107 8.03 2.08 28.57
N GLY B 108 8.62 3.17 29.04
CA GLY B 108 8.00 4.02 30.03
C GLY B 108 7.08 5.00 29.35
N ALA B 109 6.33 5.77 30.15
CA ALA B 109 5.34 6.71 29.62
C ALA B 109 5.97 7.90 28.86
N GLY B 110 7.28 8.08 29.01
CA GLY B 110 8.01 9.12 28.26
C GLY B 110 8.12 10.46 28.95
N THR B 111 9.01 11.31 28.45
CA THR B 111 9.19 12.66 28.94
C THR B 111 9.09 13.64 27.77
N ARG B 112 8.06 14.49 27.77
CA ARG B 112 7.95 15.50 26.72
C ARG B 112 8.79 16.68 27.06
N LEU B 113 9.78 16.95 26.22
CA LEU B 113 10.70 18.04 26.43
C LEU B 113 10.52 19.10 25.40
N SER B 114 10.41 20.35 25.86
CA SER B 114 10.34 21.52 24.95
C SER B 114 11.37 22.53 25.35
N VAL B 115 12.40 22.69 24.52
CA VAL B 115 13.40 23.72 24.76
C VAL B 115 13.07 24.88 23.85
N LEU B 116 12.83 26.04 24.46
CA LEU B 116 12.40 27.23 23.69
C LEU B 116 13.52 28.24 23.55
N GLU B 117 13.38 29.16 22.58
CA GLU B 117 14.36 30.21 22.37
C GLU B 117 14.33 31.20 23.54
N ASP B 118 13.13 31.46 24.03
CA ASP B 118 12.95 32.24 25.27
C ASP B 118 11.55 32.05 25.80
N LEU B 119 11.40 32.27 27.09
CA LEU B 119 10.17 31.97 27.79
C LEU B 119 9.04 32.97 27.57
N LYS B 120 9.32 34.07 26.90
CA LYS B 120 8.31 35.13 26.73
C LYS B 120 7.24 34.73 25.76
N ASN B 121 7.43 33.56 25.12
CA ASN B 121 6.45 33.02 24.19
C ASN B 121 5.47 32.08 24.89
N VAL B 122 5.71 31.84 26.17
CA VAL B 122 4.90 30.92 26.93
C VAL B 122 3.68 31.61 27.54
N PHE B 123 2.50 31.05 27.24
CA PHE B 123 1.25 31.56 27.78
C PHE B 123 0.46 30.40 28.27
N PRO B 124 -0.24 30.55 29.38
CA PRO B 124 -1.07 29.47 29.79
C PRO B 124 -2.36 29.46 28.97
N PRO B 125 -3.23 28.49 29.23
CA PRO B 125 -4.47 28.44 28.46
C PRO B 125 -5.62 29.28 29.02
N GLU B 126 -6.44 29.78 28.10
CA GLU B 126 -7.71 30.45 28.42
C GLU B 126 -8.75 29.33 28.35
N VAL B 127 -9.74 29.32 29.23
CA VAL B 127 -10.71 28.23 29.24
C VAL B 127 -12.17 28.70 29.38
N ALA B 128 -13.02 28.25 28.44
CA ALA B 128 -14.44 28.61 28.43
C ALA B 128 -15.33 27.39 28.24
N VAL B 129 -16.43 27.34 28.98
CA VAL B 129 -17.39 26.24 28.87
C VAL B 129 -18.66 26.78 28.25
N PHE B 130 -19.02 26.25 27.09
CA PHE B 130 -20.22 26.72 26.39
C PHE B 130 -21.40 25.78 26.66
N GLU B 131 -22.54 26.35 27.02
CA GLU B 131 -23.70 25.57 27.43
C GLU B 131 -24.51 25.06 26.25
N PRO B 132 -25.15 23.88 26.43
CA PRO B 132 -25.92 23.20 25.39
C PRO B 132 -26.98 24.07 24.72
N SER B 133 -27.46 23.62 23.56
CA SER B 133 -28.50 24.31 22.82
C SER B 133 -29.86 23.71 23.15
N GLU B 134 -30.84 24.56 23.38
CA GLU B 134 -32.16 24.09 23.73
C GLU B 134 -32.72 23.17 22.64
N ALA B 135 -32.35 23.43 21.38
CA ALA B 135 -32.81 22.63 20.25
C ALA B 135 -32.36 21.19 20.40
N GLU B 136 -31.08 21.01 20.74
CA GLU B 136 -30.49 19.67 20.90
C GLU B 136 -31.23 18.86 21.95
N ILE B 137 -31.76 19.53 22.96
CA ILE B 137 -32.47 18.86 24.05
C ILE B 137 -33.92 18.51 23.62
N SER B 138 -34.53 19.38 22.83
CA SER B 138 -35.88 19.15 22.33
C SER B 138 -35.83 18.09 21.24
N HIS B 139 -34.90 18.28 20.30
CA HIS B 139 -34.73 17.35 19.19
C HIS B 139 -34.27 15.98 19.69
N THR B 140 -33.56 15.97 20.81
CA THR B 140 -33.09 14.73 21.41
C THR B 140 -33.03 14.83 22.92
N GLN B 141 -33.32 13.72 23.60
CA GLN B 141 -33.27 13.68 25.06
C GLN B 141 -31.81 13.53 25.55
N LYS B 142 -30.93 14.38 25.00
CA LYS B 142 -29.49 14.40 25.35
C LYS B 142 -28.97 15.83 25.26
N ALA B 143 -28.01 16.17 26.12
CA ALA B 143 -27.42 17.52 26.12
C ALA B 143 -25.90 17.46 26.04
N THR B 144 -25.33 18.18 25.07
CA THR B 144 -23.88 18.21 24.87
C THR B 144 -23.28 19.54 25.27
N LEU B 145 -22.42 19.52 26.30
CA LEU B 145 -21.68 20.71 26.72
C LEU B 145 -20.38 20.73 25.95
N VAL B 146 -19.77 21.91 25.83
CA VAL B 146 -18.52 22.05 25.08
C VAL B 146 -17.49 22.90 25.81
N CYS B 147 -16.25 22.43 25.82
CA CYS B 147 -15.15 23.16 26.44
C CYS B 147 -14.14 23.60 25.38
N LEU B 148 -13.59 24.79 25.57
CA LEU B 148 -12.65 25.35 24.62
C LEU B 148 -11.45 25.94 25.36
N ALA B 149 -10.27 25.37 25.13
CA ALA B 149 -9.01 25.88 25.72
C ALA B 149 -8.18 26.59 24.62
N THR B 150 -8.01 27.91 24.76
CA THR B 150 -7.32 28.71 23.71
C THR B 150 -6.15 29.56 24.23
N GLY B 151 -5.26 29.92 23.31
CA GLY B 151 -4.14 30.83 23.60
C GLY B 151 -3.03 30.29 24.46
N PHE B 152 -2.76 28.99 24.37
CA PHE B 152 -1.70 28.37 25.18
C PHE B 152 -0.51 27.94 24.35
N TYR B 153 0.68 28.05 24.95
CA TYR B 153 1.91 27.64 24.30
C TYR B 153 2.98 27.39 25.36
N PRO B 154 3.72 26.29 25.24
CA PRO B 154 3.65 25.27 24.21
C PRO B 154 2.45 24.34 24.39
N ASP B 155 2.32 23.31 23.53
CA ASP B 155 1.14 22.41 23.54
C ASP B 155 1.17 21.29 24.60
N HIS B 156 1.71 21.58 25.77
CA HIS B 156 1.70 20.62 26.87
C HIS B 156 0.45 20.83 27.72
N VAL B 157 -0.68 20.21 27.33
CA VAL B 157 -1.92 20.35 28.12
C VAL B 157 -2.74 19.06 28.18
N GLU B 158 -3.44 18.89 29.31
CA GLU B 158 -4.30 17.75 29.54
C GLU B 158 -5.64 18.26 30.02
N LEU B 159 -6.68 18.04 29.22
CA LEU B 159 -8.03 18.52 29.53
C LEU B 159 -8.91 17.42 30.11
N SER B 160 -9.70 17.75 31.13
CA SER B 160 -10.57 16.75 31.77
C SER B 160 -11.91 17.33 32.23
N TRP B 161 -12.94 16.47 32.26
CA TRP B 161 -14.28 16.86 32.68
C TRP B 161 -14.59 16.29 34.05
N TRP B 162 -15.20 17.11 34.90
CA TRP B 162 -15.58 16.70 36.24
C TRP B 162 -17.06 16.96 36.46
N VAL B 163 -17.75 15.92 36.94
CA VAL B 163 -19.17 15.98 37.19
C VAL B 163 -19.41 15.80 38.68
N ASN B 164 -19.87 16.86 39.35
CA ASN B 164 -20.09 16.83 40.76
C ASN B 164 -18.83 16.46 41.50
N GLY B 165 -17.72 17.13 41.13
CA GLY B 165 -16.41 16.94 41.81
C GLY B 165 -15.68 15.67 41.47
N LYS B 166 -16.23 14.87 40.54
CA LYS B 166 -15.63 13.59 40.13
C LYS B 166 -15.31 13.61 38.65
N GLU B 167 -14.19 13.03 38.27
CA GLU B 167 -13.80 13.01 36.88
C GLU B 167 -14.58 11.96 36.10
N VAL B 168 -15.12 12.37 34.95
CA VAL B 168 -15.93 11.47 34.13
C VAL B 168 -15.35 11.29 32.72
N HIS B 169 -15.33 10.05 32.26
CA HIS B 169 -14.80 9.72 30.92
C HIS B 169 -15.93 9.32 29.97
N SER B 170 -16.98 8.71 30.52
CA SER B 170 -18.10 8.28 29.71
C SER B 170 -18.84 9.49 29.17
N GLY B 171 -18.88 9.60 27.85
CA GLY B 171 -19.55 10.71 27.18
C GLY B 171 -18.61 11.85 26.89
N VAL B 172 -17.32 11.54 26.79
CA VAL B 172 -16.29 12.57 26.58
C VAL B 172 -15.53 12.35 25.27
N CYS B 173 -15.02 13.44 24.69
CA CYS B 173 -14.23 13.38 23.47
C CYS B 173 -13.40 14.64 23.37
N THR B 174 -12.08 14.48 23.29
CA THR B 174 -11.18 15.61 23.18
C THR B 174 -10.38 15.54 21.89
N ASP B 175 -10.05 16.69 21.35
CA ASP B 175 -9.30 16.72 20.10
C ASP B 175 -7.98 16.01 20.28
N PRO B 176 -7.75 14.96 19.51
CA PRO B 176 -6.50 14.23 19.61
C PRO B 176 -5.29 15.17 19.74
N GLN B 177 -5.24 16.18 18.88
CA GLN B 177 -4.15 17.16 18.89
C GLN B 177 -4.73 18.55 18.95
N PRO B 178 -3.89 19.54 19.30
CA PRO B 178 -4.37 20.93 19.24
C PRO B 178 -4.07 21.54 17.87
N LEU B 179 -4.78 22.59 17.51
CA LEU B 179 -4.54 23.25 16.21
C LEU B 179 -4.05 24.66 16.44
N LYS B 180 -3.10 25.08 15.62
CA LYS B 180 -2.50 26.37 15.76
C LYS B 180 -3.51 27.47 15.49
N GLU B 181 -3.48 28.52 16.32
CA GLU B 181 -4.39 29.65 16.16
C GLU B 181 -3.98 30.51 14.96
N GLN B 182 -2.72 30.42 14.56
CA GLN B 182 -2.24 31.15 13.40
C GLN B 182 -1.11 30.31 12.71
N PRO B 183 -1.52 29.37 11.84
CA PRO B 183 -0.62 28.49 11.08
C PRO B 183 0.52 29.23 10.38
N ALA B 184 0.24 30.42 9.88
CA ALA B 184 1.24 31.24 9.19
C ALA B 184 2.55 31.31 10.00
N LEU B 185 2.48 31.88 11.21
CA LEU B 185 3.68 32.06 12.08
C LEU B 185 4.39 30.73 12.36
N ASN B 186 5.72 30.72 12.20
CA ASN B 186 6.54 29.52 12.45
C ASN B 186 6.12 28.87 13.75
N ASP B 187 6.08 29.68 14.81
CA ASP B 187 5.54 29.25 16.09
C ASP B 187 4.14 29.84 16.16
N SER B 188 3.35 29.44 17.14
CA SER B 188 1.98 29.92 17.26
C SER B 188 1.31 29.34 18.45
N ARG B 189 0.32 30.05 18.96
CA ARG B 189 -0.42 29.58 20.11
C ARG B 189 -1.43 28.50 19.67
N TYR B 190 -1.87 27.69 20.63
CA TYR B 190 -2.71 26.54 20.33
C TYR B 190 -4.09 26.62 20.93
N ALA B 191 -4.98 25.82 20.39
CA ALA B 191 -6.33 25.71 20.90
C ALA B 191 -6.77 24.24 20.87
N LEU B 192 -7.54 23.83 21.88
CA LEU B 192 -8.04 22.47 21.97
C LEU B 192 -9.48 22.51 22.33
N SER B 193 -10.23 21.56 21.83
CA SER B 193 -11.65 21.49 22.12
C SER B 193 -12.02 20.14 22.70
N SER B 194 -13.10 20.13 23.46
CA SER B 194 -13.61 18.90 24.03
C SER B 194 -15.10 19.02 24.19
N ARG B 195 -15.78 17.90 24.33
CA ARG B 195 -17.22 17.90 24.47
C ARG B 195 -17.67 16.84 25.46
N LEU B 196 -18.70 17.15 26.23
CA LEU B 196 -19.28 16.20 27.19
C LEU B 196 -20.79 16.11 27.00
N ARG B 197 -21.29 14.90 26.72
CA ARG B 197 -22.72 14.69 26.52
C ARG B 197 -23.35 13.84 27.65
N VAL B 198 -24.35 14.43 28.31
CA VAL B 198 -25.12 13.74 29.34
C VAL B 198 -26.55 13.65 28.86
N SER B 199 -27.41 12.94 29.59
CA SER B 199 -28.83 12.83 29.21
C SER B 199 -29.57 14.10 29.60
N ALA B 200 -30.40 14.59 28.69
CA ALA B 200 -31.18 15.80 28.92
C ALA B 200 -31.53 15.91 30.40
N THR B 201 -32.20 14.89 30.93
CA THR B 201 -32.63 14.86 32.33
C THR B 201 -31.50 15.21 33.30
N PHE B 202 -30.35 14.56 33.13
CA PHE B 202 -29.22 14.80 34.02
C PHE B 202 -28.82 16.29 34.03
N TRP B 203 -28.85 16.92 32.84
CA TRP B 203 -28.48 18.34 32.71
C TRP B 203 -29.52 19.27 33.36
N GLN B 204 -30.78 18.84 33.30
CA GLN B 204 -31.90 19.63 33.87
C GLN B 204 -31.94 19.60 35.40
N ASP B 205 -31.15 18.72 36.01
CA ASP B 205 -31.10 18.61 37.46
C ASP B 205 -30.31 19.81 38.06
N PRO B 206 -31.01 20.70 38.78
CA PRO B 206 -30.38 21.91 39.31
C PRO B 206 -29.25 21.69 40.33
N ARG B 207 -28.94 20.44 40.64
CA ARG B 207 -27.88 20.12 41.64
C ARG B 207 -26.56 19.72 40.96
N ASN B 208 -26.66 18.98 39.88
CA ASN B 208 -25.49 18.52 39.15
C ASN B 208 -24.57 19.69 38.76
N HIS B 209 -23.26 19.50 38.95
CA HIS B 209 -22.26 20.53 38.67
C HIS B 209 -21.21 20.01 37.69
N PHE B 210 -21.02 20.73 36.58
CA PHE B 210 -20.09 20.33 35.52
C PHE B 210 -18.95 21.35 35.38
N ARG B 211 -17.72 20.87 35.44
CA ARG B 211 -16.55 21.75 35.31
C ARG B 211 -15.50 21.19 34.34
N CYS B 212 -15.06 22.05 33.41
CA CYS B 212 -14.01 21.69 32.45
C CYS B 212 -12.66 22.07 33.05
N GLN B 213 -11.69 21.18 32.94
CA GLN B 213 -10.39 21.38 33.61
C GLN B 213 -9.23 21.12 32.66
N VAL B 214 -8.30 22.07 32.57
CA VAL B 214 -7.14 21.94 31.68
C VAL B 214 -5.79 22.15 32.41
N GLN B 215 -5.00 21.09 32.49
CA GLN B 215 -3.66 21.17 33.13
C GLN B 215 -2.66 21.64 32.09
N PHE B 216 -1.88 22.65 32.45
CA PHE B 216 -0.87 23.22 31.55
C PHE B 216 0.47 23.07 32.18
N TYR B 217 1.47 22.77 31.35
CA TYR B 217 2.83 22.62 31.82
C TYR B 217 3.69 23.76 31.28
N GLY B 218 4.10 24.66 32.18
CA GLY B 218 4.89 25.82 31.81
C GLY B 218 6.16 25.99 32.61
N LEU B 219 6.40 27.20 33.06
CA LEU B 219 7.61 27.48 33.82
C LEU B 219 7.53 26.95 35.25
N SER B 220 8.67 26.89 35.92
CA SER B 220 8.76 26.41 37.28
C SER B 220 9.24 27.54 38.22
N GLU B 221 9.71 27.18 39.43
CA GLU B 221 10.17 28.17 40.42
C GLU B 221 11.49 28.84 40.00
N ASN B 222 12.51 28.03 39.70
CA ASN B 222 13.84 28.55 39.35
C ASN B 222 13.87 29.34 38.04
N ASP B 223 12.90 29.08 37.17
CA ASP B 223 12.82 29.78 35.90
C ASP B 223 12.65 31.27 36.14
N GLU B 224 13.59 32.05 35.61
CA GLU B 224 13.53 33.50 35.73
C GLU B 224 12.33 34.05 34.98
N TRP B 225 11.82 35.18 35.44
CA TRP B 225 10.70 35.85 34.80
C TRP B 225 10.72 37.31 35.18
N THR B 226 11.24 38.13 34.28
CA THR B 226 11.38 39.54 34.54
C THR B 226 10.46 40.35 33.63
N GLN B 227 9.18 39.98 33.63
CA GLN B 227 8.19 40.68 32.81
C GLN B 227 6.87 40.86 33.56
N ASP B 228 6.31 42.06 33.43
CA ASP B 228 5.04 42.38 34.11
C ASP B 228 3.89 41.60 33.52
N ARG B 229 3.80 40.35 33.90
CA ARG B 229 2.78 39.42 33.42
C ARG B 229 2.67 38.27 34.40
N ALA B 230 1.46 37.78 34.63
CA ALA B 230 1.29 36.64 35.48
C ALA B 230 2.19 35.53 34.94
N LYS B 231 3.32 35.33 35.60
CA LYS B 231 4.26 34.28 35.20
C LYS B 231 3.49 33.07 34.67
N PRO B 232 3.85 32.59 33.45
CA PRO B 232 3.19 31.44 32.83
C PRO B 232 3.69 30.13 33.40
N VAL B 233 3.33 29.86 34.64
CA VAL B 233 3.78 28.65 35.33
C VAL B 233 2.90 27.49 35.07
N THR B 234 3.35 26.30 35.48
CA THR B 234 2.55 25.09 35.38
C THR B 234 1.37 25.29 36.30
N GLN B 235 0.17 25.07 35.79
CA GLN B 235 -1.05 25.36 36.54
C GLN B 235 -2.27 24.77 35.90
N ILE B 236 -3.43 24.97 36.53
CA ILE B 236 -4.69 24.47 36.02
C ILE B 236 -5.65 25.60 35.86
N VAL B 237 -6.15 25.79 34.65
CA VAL B 237 -7.16 26.79 34.38
C VAL B 237 -8.45 26.08 34.14
N SER B 238 -9.55 26.67 34.59
CA SER B 238 -10.83 26.01 34.47
C SER B 238 -12.00 26.94 34.25
N ALA B 239 -13.05 26.37 33.65
CA ALA B 239 -14.33 27.06 33.45
C ALA B 239 -15.38 26.09 33.91
N GLU B 240 -16.58 26.58 34.20
CA GLU B 240 -17.62 25.71 34.75
C GLU B 240 -19.05 26.14 34.42
N ALA B 241 -20.00 25.26 34.75
CA ALA B 241 -21.41 25.48 34.50
C ALA B 241 -22.26 24.56 35.40
N TRP B 242 -23.44 25.02 35.79
CA TRP B 242 -24.31 24.26 36.70
C TRP B 242 -25.57 23.79 35.98
N GLY B 243 -26.11 22.67 36.46
CA GLY B 243 -27.35 22.10 35.90
C GLY B 243 -28.53 23.02 36.10
N ARG B 244 -29.35 23.16 35.07
CA ARG B 244 -30.49 24.06 35.12
C ARG B 244 -31.67 23.49 34.38
N ALA B 245 -32.86 23.91 34.77
CA ALA B 245 -34.10 23.48 34.14
C ALA B 245 -34.99 24.70 33.95
N ASP B 246 -35.57 24.84 32.76
CA ASP B 246 -36.44 26.00 32.45
C ASP B 246 -37.20 25.81 31.14
N LYS C 1 -10.95 11.93 -11.39
CA LYS C 1 -11.28 10.94 -12.45
C LYS C 1 -10.26 9.81 -12.48
N GLU C 2 -8.97 10.17 -12.53
CA GLU C 2 -7.91 9.19 -12.60
C GLU C 2 -7.82 8.36 -11.35
N VAL C 3 -7.68 7.06 -11.53
CA VAL C 3 -7.47 6.17 -10.44
C VAL C 3 -5.96 5.94 -10.34
N GLU C 4 -5.45 5.87 -9.12
CA GLU C 4 -4.02 5.67 -8.88
C GLU C 4 -3.80 4.25 -8.34
N GLN C 5 -2.79 3.55 -8.89
CA GLN C 5 -2.54 2.16 -8.52
C GLN C 5 -1.08 1.76 -8.73
N ASP C 6 -0.39 1.43 -7.64
CA ASP C 6 1.01 1.01 -7.69
C ASP C 6 1.17 -0.23 -8.57
N PRO C 7 2.09 -0.17 -9.55
CA PRO C 7 2.31 -1.28 -10.52
C PRO C 7 3.03 -2.48 -9.94
N GLY C 8 3.73 -2.27 -8.82
CA GLY C 8 4.53 -3.30 -8.24
C GLY C 8 5.82 -3.41 -9.03
N PRO C 9 6.18 -4.62 -9.44
CA PRO C 9 5.44 -5.83 -9.18
C PRO C 9 5.72 -6.32 -7.78
N LEU C 10 4.84 -7.16 -7.25
CA LEU C 10 5.06 -7.67 -5.91
C LEU C 10 5.20 -9.17 -5.86
N SER C 11 6.20 -9.63 -5.11
CA SER C 11 6.42 -11.05 -4.89
C SER C 11 6.09 -11.40 -3.47
N VAL C 12 5.21 -12.36 -3.30
CA VAL C 12 4.88 -12.85 -1.99
C VAL C 12 4.99 -14.36 -2.00
N PRO C 13 5.31 -14.95 -0.86
CA PRO C 13 5.39 -16.41 -0.81
C PRO C 13 4.04 -17.02 -0.75
N GLU C 14 3.87 -18.14 -1.43
CA GLU C 14 2.64 -18.91 -1.37
C GLU C 14 2.13 -18.95 0.06
N GLY C 15 0.87 -18.62 0.24
CA GLY C 15 0.25 -18.66 1.58
C GLY C 15 0.18 -17.33 2.33
N ALA C 16 0.79 -16.28 1.77
CA ALA C 16 0.76 -14.95 2.39
C ALA C 16 -0.50 -14.21 1.98
N ILE C 17 -1.02 -13.37 2.88
CA ILE C 17 -2.17 -12.53 2.55
C ILE C 17 -1.69 -11.36 1.67
N VAL C 18 -2.42 -11.09 0.59
CA VAL C 18 -2.04 -10.02 -0.35
C VAL C 18 -2.97 -8.87 -0.25
N SER C 19 -2.45 -7.67 -0.47
CA SER C 19 -3.25 -6.50 -0.42
C SER C 19 -3.02 -5.66 -1.66
N LEU C 20 -4.09 -5.33 -2.36
CA LEU C 20 -4.04 -4.48 -3.53
C LEU C 20 -4.96 -3.31 -3.28
N ASN C 21 -4.66 -2.18 -3.88
CA ASN C 21 -5.45 -1.02 -3.62
C ASN C 21 -5.31 0.09 -4.64
N CYS C 22 -6.40 0.82 -4.83
CA CYS C 22 -6.43 1.96 -5.71
C CYS C 22 -7.01 3.15 -4.99
N THR C 23 -6.58 4.33 -5.39
CA THR C 23 -7.11 5.55 -4.86
C THR C 23 -7.64 6.35 -6.03
N TYR C 24 -8.78 7.00 -5.84
CA TYR C 24 -9.36 7.81 -6.87
C TYR C 24 -9.64 9.22 -6.37
N SER C 25 -10.19 10.06 -7.23
CA SER C 25 -10.49 11.43 -6.87
C SER C 25 -11.92 11.87 -7.27
N ASN C 26 -12.59 11.08 -8.12
CA ASN C 26 -13.95 11.42 -8.55
C ASN C 26 -15.01 10.88 -7.56
N SER C 27 -15.75 11.81 -6.96
CA SER C 27 -16.80 11.49 -5.95
C SER C 27 -17.99 10.74 -6.57
N ALA C 28 -18.22 10.96 -7.86
CA ALA C 28 -19.34 10.36 -8.56
C ALA C 28 -19.24 8.84 -8.62
N PHE C 29 -18.04 8.30 -8.43
CA PHE C 29 -17.86 6.86 -8.51
C PHE C 29 -18.68 6.15 -7.46
N GLN C 30 -19.46 5.17 -7.91
CA GLN C 30 -20.39 4.49 -7.05
C GLN C 30 -20.25 2.94 -7.16
N TYR C 31 -19.78 2.46 -8.32
CA TYR C 31 -19.51 1.01 -8.53
C TYR C 31 -17.99 0.76 -8.67
N PHE C 32 -17.49 -0.28 -8.01
CA PHE C 32 -16.06 -0.58 -8.02
C PHE C 32 -15.82 -2.08 -8.22
N MET C 33 -14.99 -2.42 -9.19
CA MET C 33 -14.70 -3.82 -9.45
C MET C 33 -13.23 -4.11 -9.65
N TRP C 34 -12.88 -5.39 -9.46
CA TRP C 34 -11.52 -5.86 -9.63
C TRP C 34 -11.46 -6.84 -10.77
N TYR C 35 -10.55 -6.59 -11.69
CA TYR C 35 -10.35 -7.44 -12.82
C TYR C 35 -9.02 -8.14 -12.69
N ARG C 36 -8.94 -9.33 -13.24
CA ARG C 36 -7.73 -10.11 -13.21
C ARG C 36 -7.33 -10.40 -14.61
N GLN C 37 -6.05 -10.25 -14.91
CA GLN C 37 -5.57 -10.41 -16.27
C GLN C 37 -4.30 -11.23 -16.30
N TYR C 38 -4.31 -12.28 -17.13
CA TYR C 38 -3.16 -13.18 -17.25
C TYR C 38 -2.30 -12.78 -18.41
N SER C 39 -1.01 -12.69 -18.15
CA SER C 39 -0.05 -12.25 -19.17
C SER C 39 -0.51 -12.53 -20.60
N ARG C 40 -0.91 -11.46 -21.31
CA ARG C 40 -1.32 -11.53 -22.74
C ARG C 40 -2.73 -12.13 -22.94
N LYS C 41 -3.67 -11.74 -22.08
CA LYS C 41 -5.05 -12.21 -22.19
C LYS C 41 -6.03 -11.13 -21.82
N GLY C 42 -7.31 -11.37 -22.10
CA GLY C 42 -8.34 -10.41 -21.79
C GLY C 42 -8.60 -10.33 -20.32
N PRO C 43 -9.29 -9.27 -19.89
CA PRO C 43 -9.57 -9.18 -18.47
C PRO C 43 -10.76 -10.00 -18.08
N GLU C 44 -10.77 -10.45 -16.83
CA GLU C 44 -11.89 -11.18 -16.32
C GLU C 44 -12.25 -10.67 -14.93
N LEU C 45 -13.55 -10.39 -14.74
CA LEU C 45 -14.06 -9.82 -13.50
C LEU C 45 -13.92 -10.78 -12.32
N LEU C 46 -13.36 -10.28 -11.22
CA LEU C 46 -13.26 -11.04 -9.97
C LEU C 46 -14.45 -10.67 -9.08
N MET C 47 -14.57 -9.36 -8.77
CA MET C 47 -15.66 -8.87 -7.91
C MET C 47 -15.99 -7.40 -8.18
N TYR C 48 -17.14 -6.98 -7.66
CA TYR C 48 -17.56 -5.59 -7.72
C TYR C 48 -18.33 -5.24 -6.45
N THR C 49 -18.38 -3.96 -6.13
CA THR C 49 -19.16 -3.51 -4.98
C THR C 49 -19.80 -2.19 -5.27
N TYR C 50 -20.99 -2.00 -4.72
CA TYR C 50 -21.72 -0.74 -4.84
C TYR C 50 -21.51 0.10 -3.59
N SER C 51 -21.05 1.34 -3.77
CA SER C 51 -20.88 2.29 -2.64
C SER C 51 -19.90 1.75 -1.62
N SER C 52 -19.92 2.32 -0.43
CA SER C 52 -19.04 1.88 0.65
C SER C 52 -19.46 0.51 1.18
N GLY C 53 -18.49 -0.24 1.67
CA GLY C 53 -18.75 -1.55 2.25
C GLY C 53 -17.71 -2.59 1.88
N ASN C 54 -17.86 -3.77 2.45
CA ASN C 54 -16.93 -4.87 2.22
C ASN C 54 -17.71 -6.07 1.61
N LYS C 55 -17.06 -6.81 0.74
CA LYS C 55 -17.71 -7.94 0.09
C LYS C 55 -16.74 -9.12 0.07
N GLU C 56 -17.10 -10.19 0.76
CA GLU C 56 -16.24 -11.35 0.89
C GLU C 56 -16.72 -12.48 0.01
N ASP C 57 -15.78 -13.17 -0.64
CA ASP C 57 -16.10 -14.27 -1.55
C ASP C 57 -14.95 -15.24 -1.56
N GLY C 58 -15.02 -16.23 -0.68
CA GLY C 58 -13.97 -17.21 -0.57
C GLY C 58 -12.69 -16.57 -0.05
N ARG C 59 -11.61 -16.75 -0.78
CA ARG C 59 -10.31 -16.26 -0.34
C ARG C 59 -10.14 -14.76 -0.55
N PHE C 60 -11.17 -14.11 -1.11
CA PHE C 60 -11.06 -12.71 -1.50
C PHE C 60 -12.00 -11.84 -0.75
N THR C 61 -11.59 -10.58 -0.56
CA THR C 61 -12.44 -9.57 0.08
C THR C 61 -12.18 -8.23 -0.56
N ALA C 62 -13.24 -7.62 -1.09
CA ALA C 62 -13.12 -6.32 -1.70
C ALA C 62 -13.68 -5.25 -0.74
N GLN C 63 -12.98 -4.11 -0.64
CA GLN C 63 -13.42 -3.02 0.24
C GLN C 63 -13.36 -1.69 -0.45
N VAL C 64 -14.32 -0.84 -0.13
CA VAL C 64 -14.34 0.52 -0.65
C VAL C 64 -14.71 1.49 0.44
N ASP C 65 -14.02 2.62 0.44
CA ASP C 65 -14.25 3.69 1.41
C ASP C 65 -14.33 5.03 0.65
N LYS C 66 -15.54 5.38 0.22
CA LYS C 66 -15.75 6.61 -0.57
C LYS C 66 -15.23 7.89 0.12
N SER C 67 -15.22 7.89 1.45
CA SER C 67 -14.75 9.05 2.22
C SER C 67 -13.27 9.23 2.07
N SER C 68 -12.54 8.13 1.97
CA SER C 68 -11.11 8.18 1.78
C SER C 68 -10.75 7.91 0.32
N LYS C 69 -11.77 7.88 -0.55
CA LYS C 69 -11.56 7.55 -1.97
C LYS C 69 -10.45 6.52 -2.07
N TYR C 70 -10.65 5.42 -1.35
CA TYR C 70 -9.64 4.38 -1.24
C TYR C 70 -10.30 3.01 -1.32
N ILE C 71 -9.78 2.16 -2.18
CA ILE C 71 -10.35 0.83 -2.40
C ILE C 71 -9.27 -0.23 -2.37
N SER C 72 -9.64 -1.45 -2.04
CA SER C 72 -8.68 -2.48 -1.94
C SER C 72 -9.25 -3.88 -2.06
N LEU C 73 -8.40 -4.77 -2.54
CA LEU C 73 -8.72 -6.17 -2.66
C LEU C 73 -7.74 -6.96 -1.78
N PHE C 74 -8.26 -7.87 -0.98
CA PHE C 74 -7.41 -8.73 -0.15
C PHE C 74 -7.50 -10.19 -0.63
N ILE C 75 -6.36 -10.86 -0.71
CA ILE C 75 -6.32 -12.25 -1.10
C ILE C 75 -5.67 -13.07 -0.02
N ARG C 76 -6.41 -14.00 0.56
CA ARG C 76 -5.88 -14.86 1.61
C ARG C 76 -5.19 -16.06 1.03
N ASP C 77 -4.36 -16.70 1.85
CA ASP C 77 -3.70 -17.91 1.47
C ASP C 77 -3.28 -17.85 -0.02
N SER C 78 -2.48 -16.82 -0.36
CA SER C 78 -1.95 -16.64 -1.75
C SER C 78 -1.62 -17.95 -2.39
N GLN C 79 -2.06 -18.13 -3.62
CA GLN C 79 -1.83 -19.33 -4.33
C GLN C 79 -1.17 -18.97 -5.69
N PRO C 80 -0.16 -19.76 -6.11
CA PRO C 80 0.58 -19.49 -7.37
C PRO C 80 -0.31 -19.18 -8.57
N SER C 81 -1.45 -19.87 -8.65
CA SER C 81 -2.37 -19.64 -9.74
C SER C 81 -2.91 -18.20 -9.72
N ASP C 82 -2.84 -17.53 -8.56
CA ASP C 82 -3.28 -16.13 -8.44
C ASP C 82 -2.34 -15.19 -9.16
N SER C 83 -1.14 -15.65 -9.48
CA SER C 83 -0.17 -14.79 -10.15
C SER C 83 -0.79 -14.21 -11.39
N ALA C 84 -0.98 -12.90 -11.38
CA ALA C 84 -1.56 -12.21 -12.51
C ALA C 84 -1.47 -10.75 -12.28
N THR C 85 -1.88 -9.97 -13.27
CA THR C 85 -1.98 -8.53 -13.12
C THR C 85 -3.40 -8.21 -12.67
N TYR C 86 -3.52 -7.45 -11.57
CA TYR C 86 -4.82 -7.09 -11.03
C TYR C 86 -5.16 -5.65 -11.35
N LEU C 87 -6.27 -5.46 -12.06
CA LEU C 87 -6.73 -4.11 -12.44
C LEU C 87 -7.93 -3.74 -11.64
N CYS C 88 -8.01 -2.50 -11.24
CA CYS C 88 -9.17 -1.99 -10.57
C CYS C 88 -9.88 -1.12 -11.55
N ALA C 89 -11.21 -1.19 -11.54
CA ALA C 89 -12.03 -0.39 -12.44
C ALA C 89 -13.19 0.16 -11.68
N MET C 90 -13.67 1.33 -12.09
CA MET C 90 -14.77 1.97 -11.42
C MET C 90 -15.54 2.91 -12.32
N ARG C 91 -16.79 3.20 -11.94
CA ARG C 91 -17.65 4.07 -12.71
C ARG C 91 -18.74 4.63 -11.82
N GLY C 92 -19.45 5.62 -12.34
CA GLY C 92 -20.58 6.20 -11.64
C GLY C 92 -21.84 5.40 -11.94
N ASP C 93 -22.95 5.77 -11.31
CA ASP C 93 -24.21 5.09 -11.56
C ASP C 93 -24.89 5.67 -12.80
N SER C 94 -24.27 6.71 -13.35
CA SER C 94 -24.79 7.41 -14.52
C SER C 94 -24.41 6.72 -15.85
N SER C 95 -23.10 6.49 -16.05
CA SER C 95 -22.59 5.95 -17.30
C SER C 95 -22.05 4.54 -17.13
N TYR C 96 -21.85 3.84 -18.27
CA TYR C 96 -21.27 2.50 -18.27
C TYR C 96 -19.79 2.53 -18.61
N LYS C 97 -19.22 3.73 -18.63
CA LYS C 97 -17.78 3.90 -18.90
C LYS C 97 -16.99 3.49 -17.66
N LEU C 98 -15.90 2.74 -17.88
CA LEU C 98 -15.03 2.31 -16.79
C LEU C 98 -13.67 2.97 -16.89
N ILE C 99 -13.20 3.47 -15.76
CA ILE C 99 -11.85 4.04 -15.65
C ILE C 99 -10.99 3.03 -14.91
N PHE C 100 -9.82 2.72 -15.47
CA PHE C 100 -8.94 1.67 -14.92
C PHE C 100 -7.67 2.19 -14.32
N GLY C 101 -7.14 1.43 -13.36
CA GLY C 101 -5.83 1.70 -12.84
C GLY C 101 -4.86 0.99 -13.75
N SER C 102 -3.60 1.35 -13.70
CA SER C 102 -2.64 0.75 -14.58
C SER C 102 -2.40 -0.75 -14.25
N GLY C 103 -2.80 -1.17 -13.06
CA GLY C 103 -2.70 -2.58 -12.67
C GLY C 103 -1.45 -2.94 -11.86
N THR C 104 -1.55 -4.03 -11.09
CA THR C 104 -0.44 -4.47 -10.26
C THR C 104 -0.07 -5.92 -10.58
N ARG C 105 1.17 -6.15 -11.07
CA ARG C 105 1.64 -7.53 -11.30
C ARG C 105 1.91 -8.18 -9.97
N LEU C 106 1.21 -9.26 -9.71
CA LEU C 106 1.34 -9.99 -8.47
C LEU C 106 1.94 -11.31 -8.79
N LEU C 107 3.05 -11.61 -8.14
CA LEU C 107 3.74 -12.86 -8.36
C LEU C 107 3.74 -13.65 -7.06
N VAL C 108 2.87 -14.61 -6.94
CA VAL C 108 2.84 -15.43 -5.71
C VAL C 108 3.75 -16.62 -5.93
N ARG C 109 4.92 -16.58 -5.26
CA ARG C 109 5.99 -17.57 -5.45
C ARG C 109 5.63 -18.94 -4.87
N PRO C 110 5.91 -20.02 -5.62
CA PRO C 110 5.62 -21.36 -5.15
C PRO C 110 6.58 -21.81 -4.10
N ASP C 111 6.10 -22.63 -3.21
CA ASP C 111 6.90 -23.18 -2.15
C ASP C 111 7.56 -24.44 -2.65
N ILE C 112 8.89 -24.43 -2.67
CA ILE C 112 9.66 -25.58 -3.17
C ILE C 112 10.05 -26.44 -2.00
N GLN C 113 9.71 -27.72 -2.05
CA GLN C 113 9.96 -28.64 -0.91
C GLN C 113 11.39 -29.21 -0.84
N ASN C 114 11.93 -29.65 -1.98
CA ASN C 114 13.25 -30.28 -1.99
C ASN C 114 14.22 -29.56 -2.90
N PRO C 115 14.61 -28.34 -2.52
CA PRO C 115 15.52 -27.59 -3.33
C PRO C 115 16.78 -28.40 -3.65
N ASP C 116 17.38 -28.12 -4.79
CA ASP C 116 18.55 -28.86 -5.26
C ASP C 116 19.28 -27.99 -6.28
N PRO C 117 19.58 -26.74 -5.90
CA PRO C 117 20.18 -25.73 -6.75
C PRO C 117 21.35 -26.19 -7.56
N ALA C 118 21.34 -25.86 -8.84
CA ALA C 118 22.43 -26.21 -9.74
C ALA C 118 22.37 -25.37 -11.02
N VAL C 119 23.53 -25.20 -11.63
CA VAL C 119 23.64 -24.53 -12.90
C VAL C 119 24.24 -25.54 -13.87
N TYR C 120 23.63 -25.69 -15.05
CA TYR C 120 24.13 -26.64 -16.04
C TYR C 120 24.33 -25.96 -17.35
N GLN C 121 25.13 -26.58 -18.22
CA GLN C 121 25.36 -26.06 -19.54
C GLN C 121 24.73 -26.95 -20.59
N LEU C 122 23.70 -26.45 -21.24
CA LEU C 122 23.06 -27.17 -22.28
C LEU C 122 23.79 -26.88 -23.55
N ARG C 123 23.58 -27.75 -24.53
CA ARG C 123 24.24 -27.60 -25.81
C ARG C 123 23.26 -27.69 -26.96
N ASP C 124 23.43 -26.78 -27.92
CA ASP C 124 22.59 -26.74 -29.13
C ASP C 124 22.82 -28.02 -29.93
N SER C 125 21.74 -28.56 -30.50
CA SER C 125 21.82 -29.76 -31.32
C SER C 125 22.69 -29.52 -32.56
N LYS C 126 23.04 -28.25 -32.80
CA LYS C 126 23.84 -27.86 -33.97
C LYS C 126 25.35 -27.88 -33.71
N SER C 127 25.86 -26.91 -32.95
CA SER C 127 27.32 -26.87 -32.71
C SER C 127 27.74 -26.28 -31.34
N SER C 128 28.44 -25.13 -31.35
CA SER C 128 29.00 -24.55 -30.12
C SER C 128 29.10 -23.00 -30.16
N ASP C 129 29.67 -22.42 -29.07
CA ASP C 129 29.81 -20.96 -28.91
C ASP C 129 28.43 -20.30 -29.01
N LYS C 130 27.43 -21.06 -28.59
CA LYS C 130 26.04 -20.65 -28.63
C LYS C 130 25.34 -21.02 -27.35
N SER C 131 26.05 -21.77 -26.49
CA SER C 131 25.44 -22.42 -25.30
C SER C 131 24.73 -21.53 -24.33
N VAL C 132 23.78 -22.13 -23.65
CA VAL C 132 23.03 -21.47 -22.64
C VAL C 132 23.32 -22.17 -21.34
N CYS C 133 23.17 -21.45 -20.25
CA CYS C 133 23.35 -22.02 -18.95
C CYS C 133 22.03 -22.01 -18.27
N LEU C 134 21.67 -23.13 -17.66
CA LEU C 134 20.43 -23.26 -16.93
C LEU C 134 20.66 -23.26 -15.41
N PHE C 135 20.10 -22.28 -14.72
CA PHE C 135 20.15 -22.25 -13.26
C PHE C 135 18.82 -22.76 -12.81
N THR C 136 18.81 -23.88 -12.09
CA THR C 136 17.55 -24.51 -11.74
C THR C 136 17.50 -25.18 -10.36
N ASP C 137 16.29 -25.59 -9.98
CA ASP C 137 16.01 -26.34 -8.74
C ASP C 137 16.31 -25.58 -7.44
N PHE C 138 16.27 -24.26 -7.49
CA PHE C 138 16.46 -23.43 -6.31
C PHE C 138 15.12 -23.07 -5.70
N ASP C 139 15.13 -22.71 -4.41
CA ASP C 139 13.90 -22.36 -3.72
C ASP C 139 13.50 -20.96 -4.09
N SER C 140 12.26 -20.60 -3.79
CA SER C 140 11.71 -19.33 -4.19
C SER C 140 12.18 -18.16 -3.31
N GLN C 141 13.11 -18.42 -2.43
CA GLN C 141 13.71 -17.37 -1.63
C GLN C 141 14.78 -16.67 -2.50
N THR C 142 15.24 -17.36 -3.57
CA THR C 142 16.28 -16.80 -4.46
C THR C 142 15.73 -15.80 -5.48
N ASN C 143 16.45 -14.72 -5.68
CA ASN C 143 16.10 -13.74 -6.67
C ASN C 143 17.19 -13.62 -7.72
N VAL C 144 16.82 -13.89 -8.97
CA VAL C 144 17.75 -13.81 -10.10
C VAL C 144 17.79 -12.39 -10.67
N SER C 145 18.98 -11.80 -10.71
CA SER C 145 19.14 -10.40 -11.20
C SER C 145 19.56 -10.34 -12.68
N GLN C 146 19.38 -9.17 -13.28
CA GLN C 146 19.76 -8.94 -14.70
C GLN C 146 21.26 -8.59 -14.82
N SER C 147 21.90 -9.13 -15.85
CA SER C 147 23.34 -8.90 -16.08
C SER C 147 23.72 -7.44 -16.13
N LYS C 148 25.02 -7.17 -15.96
CA LYS C 148 25.54 -5.80 -15.99
C LYS C 148 26.09 -5.47 -17.39
N ASP C 149 25.63 -6.19 -18.40
CA ASP C 149 26.05 -5.97 -19.80
C ASP C 149 25.02 -6.51 -20.80
N SER C 150 24.92 -5.85 -21.95
CA SER C 150 23.96 -6.22 -22.98
C SER C 150 24.38 -7.47 -23.77
N ASP C 151 25.63 -7.89 -23.61
CA ASP C 151 26.15 -9.08 -24.30
C ASP C 151 25.54 -10.36 -23.71
N VAL C 152 25.40 -10.39 -22.37
CA VAL C 152 24.85 -11.59 -21.66
C VAL C 152 23.35 -11.42 -21.41
N TYR C 153 22.58 -12.37 -21.88
CA TYR C 153 21.12 -12.32 -21.73
C TYR C 153 20.66 -13.26 -20.63
N ILE C 154 19.79 -12.75 -19.76
CA ILE C 154 19.31 -13.51 -18.60
C ILE C 154 17.81 -13.34 -18.45
N THR C 155 17.12 -14.41 -18.15
CA THR C 155 15.68 -14.37 -17.97
C THR C 155 15.33 -14.53 -16.51
N ASP C 156 14.22 -13.96 -16.09
CA ASP C 156 13.76 -14.08 -14.72
C ASP C 156 13.41 -15.51 -14.44
N LYS C 157 13.37 -15.86 -13.17
CA LYS C 157 12.99 -17.19 -12.79
C LYS C 157 11.62 -17.53 -13.36
N CYS C 158 11.41 -18.81 -13.61
CA CYS C 158 10.21 -19.33 -14.27
C CYS C 158 9.87 -20.67 -13.56
N VAL C 159 8.62 -20.87 -13.22
CA VAL C 159 8.21 -22.09 -12.48
C VAL C 159 7.51 -23.06 -13.38
N LEU C 160 8.05 -24.27 -13.49
CA LEU C 160 7.39 -25.30 -14.31
C LEU C 160 6.85 -26.36 -13.39
N ASP C 161 5.78 -27.01 -13.82
CA ASP C 161 5.12 -28.03 -13.02
C ASP C 161 5.00 -29.36 -13.78
N MET C 162 5.58 -30.40 -13.22
CA MET C 162 5.46 -31.74 -13.77
C MET C 162 4.31 -32.44 -13.00
N ARG C 163 3.09 -32.25 -13.48
CA ARG C 163 1.86 -32.75 -12.79
C ARG C 163 1.87 -34.23 -12.49
N SER C 164 2.25 -35.05 -13.47
CA SER C 164 2.26 -36.51 -13.31
C SER C 164 3.15 -36.95 -12.12
N MET C 165 4.12 -36.11 -11.77
CA MET C 165 5.02 -36.41 -10.66
C MET C 165 4.80 -35.44 -9.52
N ASP C 166 3.68 -34.71 -9.55
CA ASP C 166 3.37 -33.75 -8.48
C ASP C 166 4.66 -33.05 -8.05
N PHE C 167 5.30 -32.36 -8.98
CA PHE C 167 6.58 -31.73 -8.72
C PHE C 167 6.77 -30.45 -9.58
N LYS C 168 7.47 -29.46 -9.02
CA LYS C 168 7.71 -28.20 -9.72
C LYS C 168 9.06 -27.65 -9.40
N SER C 169 9.54 -26.72 -10.22
CA SER C 169 10.86 -26.12 -10.00
C SER C 169 11.05 -24.79 -10.72
N ASN C 170 11.90 -23.93 -10.15
CA ASN C 170 12.21 -22.65 -10.76
C ASN C 170 13.42 -22.79 -11.66
N SER C 171 13.54 -21.92 -12.64
CA SER C 171 14.72 -21.91 -13.47
C SER C 171 14.85 -20.63 -14.19
N ALA C 172 16.12 -20.28 -14.48
CA ALA C 172 16.45 -19.10 -15.26
C ALA C 172 17.54 -19.50 -16.25
N VAL C 173 17.51 -18.91 -17.44
CA VAL C 173 18.48 -19.27 -18.43
C VAL C 173 19.33 -18.06 -18.82
N ALA C 174 20.60 -18.29 -19.05
CA ALA C 174 21.50 -17.24 -19.50
C ALA C 174 22.26 -17.73 -20.72
N TRP C 175 22.59 -16.82 -21.61
CA TRP C 175 23.35 -17.18 -22.80
C TRP C 175 24.05 -15.98 -23.43
N SER C 176 25.07 -16.26 -24.23
CA SER C 176 25.83 -15.21 -24.91
C SER C 176 26.77 -15.82 -25.95
N ASN C 177 27.21 -15.00 -26.88
CA ASN C 177 28.15 -15.43 -27.90
C ASN C 177 29.57 -15.17 -27.41
N LYS C 178 29.68 -14.23 -26.47
CA LYS C 178 30.95 -13.80 -25.91
C LYS C 178 31.82 -14.99 -25.41
N SER C 179 33.05 -15.06 -25.92
CA SER C 179 33.99 -16.13 -25.56
C SER C 179 34.51 -16.00 -24.11
N ASP C 180 34.14 -14.90 -23.45
CA ASP C 180 34.51 -14.66 -22.03
C ASP C 180 33.32 -15.07 -21.12
N PHE C 181 32.52 -16.01 -21.62
CA PHE C 181 31.33 -16.44 -20.92
C PHE C 181 31.38 -17.92 -20.59
N ALA C 182 30.89 -18.25 -19.41
CA ALA C 182 30.82 -19.61 -18.94
C ALA C 182 29.76 -19.66 -17.87
N CYS C 183 29.30 -20.85 -17.55
CA CYS C 183 28.29 -21.01 -16.54
C CYS C 183 28.78 -20.58 -15.18
N ALA C 184 30.06 -20.83 -14.91
CA ALA C 184 30.66 -20.45 -13.63
C ALA C 184 30.41 -18.98 -13.31
N ASN C 185 30.62 -18.09 -14.30
CA ASN C 185 30.43 -16.64 -14.08
C ASN C 185 29.03 -16.14 -14.44
N ALA C 186 28.30 -16.88 -15.26
CA ALA C 186 26.94 -16.51 -15.56
C ALA C 186 26.19 -16.54 -14.25
N PHE C 187 25.34 -15.54 -14.03
CA PHE C 187 24.57 -15.40 -12.75
C PHE C 187 25.37 -14.76 -11.62
N ASN C 188 26.61 -14.37 -11.90
CA ASN C 188 27.44 -13.68 -10.87
C ASN C 188 26.77 -12.45 -10.30
N ASN C 189 25.76 -11.97 -11.00
CA ASN C 189 25.05 -10.77 -10.57
C ASN C 189 23.92 -11.12 -9.58
N SER C 190 23.63 -12.41 -9.44
CA SER C 190 22.61 -12.88 -8.53
C SER C 190 23.24 -13.43 -7.28
N ILE C 191 22.52 -13.30 -6.15
CA ILE C 191 22.93 -13.89 -4.89
C ILE C 191 22.36 -15.30 -4.86
N ILE C 192 23.14 -16.26 -5.34
CA ILE C 192 22.70 -17.65 -5.39
C ILE C 192 23.11 -18.42 -4.16
N PRO C 193 22.39 -19.51 -3.85
CA PRO C 193 22.66 -20.33 -2.69
C PRO C 193 24.10 -20.78 -2.59
N GLU C 194 24.66 -20.73 -1.38
CA GLU C 194 26.04 -21.13 -1.13
C GLU C 194 26.31 -22.57 -1.60
N ASP C 195 25.31 -23.45 -1.48
CA ASP C 195 25.47 -24.89 -1.85
C ASP C 195 25.05 -25.21 -3.31
N THR C 196 25.08 -24.21 -4.17
CA THR C 196 24.70 -24.41 -5.58
C THR C 196 25.67 -25.36 -6.28
N PHE C 197 25.18 -26.50 -6.72
CA PHE C 197 26.01 -27.48 -7.42
C PHE C 197 26.46 -26.94 -8.77
N PHE C 198 27.72 -27.16 -9.11
CA PHE C 198 28.25 -26.70 -10.40
C PHE C 198 28.87 -27.86 -11.19
N PRO C 199 28.80 -27.78 -12.54
CA PRO C 199 29.36 -28.81 -13.46
C PRO C 199 30.68 -29.36 -13.00
N SER C 200 31.09 -30.47 -13.59
CA SER C 200 32.37 -31.09 -13.26
C SER C 200 33.18 -31.41 -14.52
N PRO C 201 33.46 -30.38 -15.36
CA PRO C 201 34.22 -30.61 -16.60
C PRO C 201 35.74 -30.60 -16.37
N ASP D 1 -24.09 -19.75 -28.36
CA ASP D 1 -22.94 -20.15 -27.50
C ASP D 1 -21.66 -19.40 -27.91
N ALA D 2 -21.44 -19.27 -29.22
CA ALA D 2 -20.25 -18.55 -29.75
C ALA D 2 -20.04 -17.23 -29.00
N GLY D 3 -18.80 -16.95 -28.63
CA GLY D 3 -18.47 -15.72 -27.90
C GLY D 3 -18.25 -14.55 -28.83
N VAL D 4 -17.74 -13.43 -28.28
CA VAL D 4 -17.48 -12.24 -29.07
C VAL D 4 -16.31 -12.49 -30.02
N ILE D 5 -16.58 -12.35 -31.32
CA ILE D 5 -15.56 -12.57 -32.38
C ILE D 5 -14.92 -11.26 -32.79
N GLN D 6 -13.58 -11.20 -32.81
CA GLN D 6 -12.84 -10.01 -33.28
C GLN D 6 -12.00 -10.39 -34.47
N SER D 7 -11.67 -9.41 -35.30
CA SER D 7 -10.85 -9.66 -36.50
C SER D 7 -10.08 -8.40 -36.95
N PRO D 8 -8.78 -8.57 -37.25
CA PRO D 8 -8.05 -9.83 -37.16
C PRO D 8 -7.46 -10.08 -35.78
N ARG D 9 -6.80 -11.23 -35.60
CA ARG D 9 -6.12 -11.54 -34.33
C ARG D 9 -4.84 -10.73 -34.23
N HIS D 10 -4.03 -10.80 -35.26
CA HIS D 10 -2.79 -10.06 -35.30
C HIS D 10 -2.73 -9.15 -36.53
N GLU D 11 -2.21 -7.96 -36.34
CA GLU D 11 -2.14 -6.99 -37.37
C GLU D 11 -0.79 -6.33 -37.33
N VAL D 12 0.00 -6.56 -38.37
CA VAL D 12 1.30 -5.92 -38.50
C VAL D 12 1.29 -5.11 -39.79
N THR D 13 1.10 -3.81 -39.65
CA THR D 13 0.97 -2.94 -40.80
C THR D 13 1.97 -1.78 -40.76
N GLU D 14 2.04 -1.03 -41.86
CA GLU D 14 2.95 0.10 -41.95
C GLU D 14 2.20 1.42 -41.81
N MET D 15 2.77 2.37 -41.06
CA MET D 15 2.17 3.70 -40.89
C MET D 15 1.71 4.30 -42.22
N GLY D 16 0.70 5.15 -42.16
CA GLY D 16 0.14 5.77 -43.36
C GLY D 16 -0.96 4.90 -43.95
N GLN D 17 -0.69 3.60 -43.99
CA GLN D 17 -1.64 2.63 -44.51
C GLN D 17 -2.85 2.58 -43.59
N GLN D 18 -4.03 2.41 -44.16
CA GLN D 18 -5.23 2.32 -43.36
C GLN D 18 -5.32 0.96 -42.67
N VAL D 19 -5.85 0.95 -41.46
CA VAL D 19 -6.02 -0.28 -40.69
C VAL D 19 -7.44 -0.36 -40.16
N THR D 20 -8.05 -1.53 -40.30
CA THR D 20 -9.44 -1.72 -39.92
C THR D 20 -9.58 -2.89 -38.98
N LEU D 21 -10.15 -2.63 -37.81
CA LEU D 21 -10.39 -3.69 -36.83
C LEU D 21 -11.89 -3.98 -36.80
N ARG D 22 -12.23 -5.24 -36.56
CA ARG D 22 -13.63 -5.66 -36.63
C ARG D 22 -14.06 -6.40 -35.36
N CYS D 23 -15.33 -6.24 -34.98
CA CYS D 23 -15.87 -6.94 -33.83
C CYS D 23 -17.33 -7.36 -34.04
N LYS D 24 -17.67 -8.54 -33.54
CA LYS D 24 -19.05 -9.04 -33.60
C LYS D 24 -19.52 -9.45 -32.21
N PRO D 25 -20.54 -8.76 -31.70
CA PRO D 25 -21.01 -9.07 -30.39
C PRO D 25 -21.80 -10.35 -30.37
N ILE D 26 -22.02 -10.89 -29.18
CA ILE D 26 -22.81 -12.07 -29.04
C ILE D 26 -24.25 -11.73 -29.43
N SER D 27 -24.94 -12.65 -30.08
CA SER D 27 -26.31 -12.43 -30.48
C SER D 27 -27.12 -11.91 -29.29
N GLY D 28 -27.86 -10.83 -29.52
CA GLY D 28 -28.74 -10.27 -28.51
C GLY D 28 -28.19 -9.07 -27.77
N HIS D 29 -26.87 -8.90 -27.75
CA HIS D 29 -26.27 -7.78 -27.02
C HIS D 29 -26.41 -6.46 -27.78
N ASP D 30 -27.03 -5.47 -27.12
CA ASP D 30 -27.28 -4.17 -27.74
C ASP D 30 -26.32 -3.08 -27.21
N TYR D 31 -25.30 -3.51 -26.47
CA TYR D 31 -24.23 -2.61 -25.98
C TYR D 31 -22.90 -3.17 -26.46
N LEU D 32 -22.08 -2.33 -27.09
CA LEU D 32 -20.76 -2.78 -27.54
C LEU D 32 -19.68 -1.79 -27.17
N PHE D 33 -18.63 -2.29 -26.50
CA PHE D 33 -17.54 -1.48 -26.00
C PHE D 33 -16.26 -1.73 -26.80
N TRP D 34 -15.40 -0.72 -26.86
CA TRP D 34 -14.09 -0.80 -27.52
C TRP D 34 -13.04 -0.27 -26.58
N TYR D 35 -12.03 -1.09 -26.27
CA TYR D 35 -10.94 -0.68 -25.38
C TYR D 35 -9.60 -0.82 -26.06
N ARG D 36 -8.58 -0.28 -25.43
CA ARG D 36 -7.21 -0.48 -25.89
C ARG D 36 -6.32 -0.63 -24.68
N GLN D 37 -5.30 -1.45 -24.82
CA GLN D 37 -4.38 -1.70 -23.75
C GLN D 37 -2.93 -1.41 -24.19
N THR D 38 -2.18 -0.79 -23.30
CA THR D 38 -0.79 -0.46 -23.55
C THR D 38 0.01 -0.58 -22.29
N MET D 39 1.24 -1.07 -22.40
CA MET D 39 2.11 -1.24 -21.25
C MET D 39 2.11 0.00 -20.34
N MET D 40 2.26 1.19 -20.94
CA MET D 40 2.39 2.44 -20.15
C MET D 40 1.06 3.05 -19.74
N ARG D 41 0.21 3.36 -20.72
CA ARG D 41 -1.07 4.01 -20.45
C ARG D 41 -2.08 3.05 -19.80
N GLY D 42 -1.95 1.76 -20.11
CA GLY D 42 -2.82 0.75 -19.54
C GLY D 42 -4.05 0.46 -20.38
N LEU D 43 -5.11 0.02 -19.72
CA LEU D 43 -6.36 -0.30 -20.38
C LEU D 43 -7.29 0.93 -20.39
N GLU D 44 -7.79 1.29 -21.58
CA GLU D 44 -8.65 2.45 -21.71
C GLU D 44 -9.90 2.15 -22.51
N LEU D 45 -11.00 2.81 -22.15
CA LEU D 45 -12.23 2.73 -22.91
C LEU D 45 -12.17 3.80 -23.97
N LEU D 46 -12.44 3.41 -25.21
CA LEU D 46 -12.45 4.37 -26.31
C LEU D 46 -13.88 4.86 -26.59
N ILE D 47 -14.80 3.93 -26.74
CA ILE D 47 -16.19 4.29 -27.06
C ILE D 47 -17.13 3.15 -26.76
N TYR D 48 -18.35 3.45 -26.35
CA TYR D 48 -19.35 2.40 -26.20
C TYR D 48 -20.66 2.76 -26.83
N PHE D 49 -21.26 1.76 -27.49
CA PHE D 49 -22.51 1.94 -28.19
C PHE D 49 -23.69 1.33 -27.43
N ASN D 50 -24.89 1.79 -27.78
CA ASN D 50 -26.13 1.26 -27.27
C ASN D 50 -27.13 1.30 -28.41
N ASN D 51 -27.61 0.14 -28.82
CA ASN D 51 -28.51 0.08 -29.95
C ASN D 51 -27.93 0.80 -31.17
N ASN D 52 -26.63 0.63 -31.38
CA ASN D 52 -25.96 1.16 -32.56
C ASN D 52 -25.67 2.66 -32.54
N VAL D 53 -25.94 3.32 -31.42
CA VAL D 53 -25.69 4.76 -31.30
C VAL D 53 -24.61 5.03 -30.24
N PRO D 54 -23.53 5.77 -30.63
CA PRO D 54 -22.44 6.08 -29.70
C PRO D 54 -22.94 6.79 -28.45
N ILE D 55 -22.62 6.26 -27.28
CA ILE D 55 -23.08 6.83 -26.03
C ILE D 55 -22.00 7.69 -25.39
N ASP D 56 -20.75 7.25 -25.47
CA ASP D 56 -19.61 7.97 -24.86
C ASP D 56 -18.31 7.69 -25.62
N ASP D 57 -17.80 8.69 -26.33
CA ASP D 57 -16.56 8.54 -27.07
C ASP D 57 -15.44 9.41 -26.48
N SER D 58 -15.61 9.81 -25.21
CA SER D 58 -14.61 10.67 -24.51
C SER D 58 -13.19 10.15 -24.71
N GLY D 59 -13.04 8.83 -24.68
CA GLY D 59 -11.76 8.21 -24.90
C GLY D 59 -11.64 7.87 -26.35
N MET D 60 -10.98 8.72 -27.10
CA MET D 60 -10.85 8.50 -28.51
C MET D 60 -9.82 9.46 -29.00
N PRO D 61 -8.85 8.97 -29.76
CA PRO D 61 -7.84 9.87 -30.29
C PRO D 61 -8.43 10.96 -31.19
N GLU D 62 -7.81 12.13 -31.18
CA GLU D 62 -8.30 13.30 -31.90
C GLU D 62 -9.26 12.99 -33.08
N ASP D 63 -8.72 12.88 -34.31
CA ASP D 63 -9.56 12.69 -35.52
C ASP D 63 -9.28 11.40 -36.29
N ARG D 64 -8.12 10.79 -36.06
CA ARG D 64 -7.71 9.63 -36.84
C ARG D 64 -8.52 8.39 -36.53
N PHE D 65 -9.33 8.45 -35.48
CA PHE D 65 -10.14 7.32 -35.09
C PHE D 65 -11.62 7.50 -35.41
N SER D 66 -12.20 6.47 -36.02
CA SER D 66 -13.63 6.45 -36.36
C SER D 66 -14.23 5.07 -35.99
N ALA D 67 -15.32 5.09 -35.22
CA ALA D 67 -15.97 3.84 -34.78
C ALA D 67 -17.46 3.88 -35.08
N LYS D 68 -17.96 2.89 -35.83
CA LYS D 68 -19.36 2.84 -36.18
C LYS D 68 -20.00 1.47 -35.99
N MET D 69 -21.33 1.48 -35.79
CA MET D 69 -22.12 0.24 -35.69
C MET D 69 -23.27 0.34 -36.63
N PRO D 70 -23.05 0.01 -37.91
CA PRO D 70 -24.14 0.07 -38.89
C PRO D 70 -25.35 -0.78 -38.48
N ASN D 71 -25.09 -1.92 -37.84
CA ASN D 71 -26.16 -2.80 -37.37
C ASN D 71 -25.86 -3.42 -36.00
N ALA D 72 -26.82 -4.16 -35.46
CA ALA D 72 -26.71 -4.73 -34.11
C ALA D 72 -25.68 -5.89 -33.97
N SER D 73 -25.20 -6.43 -35.09
CA SER D 73 -24.24 -7.55 -35.02
C SER D 73 -22.93 -7.24 -35.73
N PHE D 74 -22.50 -5.97 -35.70
CA PHE D 74 -21.26 -5.59 -36.34
C PHE D 74 -20.81 -4.20 -35.92
N SER D 75 -19.51 -4.04 -35.79
CA SER D 75 -18.95 -2.78 -35.43
C SER D 75 -17.53 -2.71 -35.93
N THR D 76 -17.17 -1.56 -36.46
CA THR D 76 -15.87 -1.34 -36.98
C THR D 76 -15.16 -0.27 -36.19
N LEU D 77 -13.84 -0.37 -36.12
CA LEU D 77 -13.01 0.67 -35.49
C LEU D 77 -11.89 0.97 -36.46
N LYS D 78 -11.97 2.10 -37.13
CA LYS D 78 -10.99 2.46 -38.17
C LYS D 78 -9.98 3.51 -37.75
N ILE D 79 -8.76 3.33 -38.23
CA ILE D 79 -7.67 4.23 -37.97
C ILE D 79 -7.03 4.59 -39.31
N GLN D 80 -7.07 5.87 -39.68
CA GLN D 80 -6.49 6.31 -40.97
C GLN D 80 -6.07 7.78 -40.91
N PRO D 81 -4.77 8.06 -41.15
CA PRO D 81 -3.73 7.10 -41.45
C PRO D 81 -3.12 6.57 -40.18
N SER D 82 -2.92 5.26 -40.10
CA SER D 82 -2.35 4.64 -38.91
C SER D 82 -0.99 5.27 -38.56
N GLU D 83 -0.69 5.30 -37.26
CA GLU D 83 0.56 5.89 -36.76
C GLU D 83 1.11 4.98 -35.63
N PRO D 84 2.46 4.83 -35.56
CA PRO D 84 3.12 3.96 -34.57
C PRO D 84 2.47 3.95 -33.17
N ARG D 85 2.31 5.11 -32.56
CA ARG D 85 1.74 5.20 -31.21
C ARG D 85 0.39 4.48 -31.10
N ASP D 86 -0.16 4.04 -32.23
CA ASP D 86 -1.42 3.34 -32.25
C ASP D 86 -1.23 1.85 -32.01
N SER D 87 0.01 1.43 -31.83
CA SER D 87 0.30 0.03 -31.54
C SER D 87 -0.25 -0.33 -30.18
N ALA D 88 -1.07 -1.36 -30.12
CA ALA D 88 -1.65 -1.78 -28.88
C ALA D 88 -2.64 -2.88 -29.08
N VAL D 89 -3.01 -3.51 -27.99
CA VAL D 89 -3.98 -4.56 -28.02
C VAL D 89 -5.38 -3.90 -27.90
N TYR D 90 -6.19 -4.04 -28.95
CA TYR D 90 -7.52 -3.47 -28.95
C TYR D 90 -8.57 -4.52 -28.62
N PHE D 91 -9.28 -4.34 -27.51
CA PHE D 91 -10.32 -5.29 -27.10
C PHE D 91 -11.72 -4.82 -27.43
N CYS D 92 -12.63 -5.76 -27.56
CA CYS D 92 -14.02 -5.46 -27.84
C CYS D 92 -14.92 -6.29 -26.91
N ALA D 93 -15.96 -5.66 -26.38
CA ALA D 93 -16.91 -6.38 -25.53
C ALA D 93 -18.34 -5.98 -25.83
N SER D 94 -19.27 -6.83 -25.41
CA SER D 94 -20.68 -6.58 -25.59
C SER D 94 -21.43 -7.05 -24.40
N SER D 95 -22.59 -6.46 -24.13
CA SER D 95 -23.37 -6.89 -22.98
C SER D 95 -24.83 -6.46 -23.06
N LEU D 96 -25.63 -6.98 -22.13
CA LEU D 96 -27.04 -6.63 -22.01
C LEU D 96 -27.18 -5.73 -20.81
N TRP D 97 -28.28 -4.99 -20.73
CA TRP D 97 -28.48 -4.11 -19.61
C TRP D 97 -28.50 -4.87 -18.28
N GLU D 98 -29.14 -6.03 -18.27
CA GLU D 98 -29.25 -6.85 -17.03
C GLU D 98 -27.89 -7.45 -16.62
N LYS D 99 -26.96 -7.51 -17.57
CA LYS D 99 -25.62 -8.00 -17.31
C LYS D 99 -24.78 -6.84 -16.78
N LEU D 100 -24.87 -5.70 -17.45
CA LEU D 100 -24.17 -4.51 -17.05
C LEU D 100 -24.60 -4.08 -15.64
N ALA D 101 -25.89 -4.23 -15.32
CA ALA D 101 -26.42 -3.90 -13.98
C ALA D 101 -25.70 -4.74 -12.93
N LYS D 102 -24.76 -5.55 -13.38
CA LYS D 102 -23.91 -6.33 -12.49
C LYS D 102 -22.45 -6.25 -12.99
N ASN D 103 -22.19 -5.31 -13.91
CA ASN D 103 -20.85 -5.03 -14.39
C ASN D 103 -20.17 -6.23 -15.07
N ILE D 104 -20.94 -6.96 -15.87
CA ILE D 104 -20.44 -8.14 -16.56
C ILE D 104 -20.39 -7.90 -18.04
N GLN D 105 -19.17 -7.83 -18.59
CA GLN D 105 -18.98 -7.67 -20.06
C GLN D 105 -18.38 -8.96 -20.63
N TYR D 106 -18.57 -9.17 -21.93
CA TYR D 106 -17.98 -10.30 -22.60
C TYR D 106 -16.95 -9.77 -23.62
N PHE D 107 -15.68 -10.07 -23.36
CA PHE D 107 -14.57 -9.60 -24.21
C PHE D 107 -14.25 -10.52 -25.37
N GLY D 108 -13.51 -9.98 -26.33
CA GLY D 108 -13.03 -10.76 -27.43
C GLY D 108 -11.55 -11.02 -27.21
N ALA D 109 -11.01 -12.03 -27.90
CA ALA D 109 -9.59 -12.37 -27.77
C ALA D 109 -8.69 -11.14 -27.96
N GLY D 110 -9.26 -10.09 -28.55
CA GLY D 110 -8.55 -8.85 -28.78
C GLY D 110 -7.80 -8.85 -30.10
N THR D 111 -7.13 -7.76 -30.40
CA THR D 111 -6.32 -7.66 -31.61
C THR D 111 -4.99 -7.02 -31.29
N ARG D 112 -3.89 -7.73 -31.52
CA ARG D 112 -2.60 -7.11 -31.36
C ARG D 112 -2.30 -6.28 -32.58
N LEU D 113 -2.29 -4.98 -32.40
CA LEU D 113 -1.98 -4.08 -33.46
C LEU D 113 -0.57 -3.54 -33.28
N SER D 114 0.19 -3.50 -34.37
CA SER D 114 1.54 -2.94 -34.36
C SER D 114 1.80 -2.20 -35.63
N VAL D 115 1.88 -0.87 -35.55
CA VAL D 115 2.19 -0.04 -36.70
C VAL D 115 3.66 0.30 -36.67
N LEU D 116 4.35 0.03 -37.76
CA LEU D 116 5.81 0.26 -37.87
C LEU D 116 6.10 1.41 -38.84
N GLU D 117 7.23 2.08 -38.64
CA GLU D 117 7.62 3.19 -39.52
C GLU D 117 8.01 2.64 -40.88
N ASP D 118 8.70 1.50 -40.87
CA ASP D 118 9.13 0.81 -42.10
C ASP D 118 9.20 -0.70 -41.88
N LEU D 119 8.69 -1.46 -42.83
CA LEU D 119 8.60 -2.92 -42.72
C LEU D 119 9.93 -3.64 -42.99
N LYS D 120 11.02 -2.90 -43.15
CA LYS D 120 12.30 -3.53 -43.45
C LYS D 120 12.99 -3.97 -42.17
N ASN D 121 12.41 -3.60 -41.03
CA ASN D 121 12.94 -3.96 -39.71
C ASN D 121 12.31 -5.25 -39.17
N VAL D 122 11.41 -5.84 -39.94
CA VAL D 122 10.73 -7.07 -39.53
C VAL D 122 11.61 -8.28 -39.77
N PHE D 123 11.61 -9.19 -38.81
CA PHE D 123 12.42 -10.39 -38.91
C PHE D 123 11.70 -11.58 -38.29
N PRO D 124 11.72 -12.73 -38.98
CA PRO D 124 11.17 -13.89 -38.38
C PRO D 124 12.09 -14.36 -37.32
N PRO D 125 11.64 -15.25 -36.46
CA PRO D 125 12.51 -15.72 -35.43
C PRO D 125 13.41 -16.84 -35.87
N GLU D 126 14.53 -16.98 -35.18
CA GLU D 126 15.39 -18.13 -35.34
C GLU D 126 15.15 -19.00 -34.12
N VAL D 127 14.94 -20.27 -34.33
CA VAL D 127 14.67 -21.16 -33.23
C VAL D 127 15.71 -22.21 -33.10
N ALA D 128 16.10 -22.47 -31.86
CA ALA D 128 17.09 -23.46 -31.56
C ALA D 128 16.69 -24.19 -30.31
N VAL D 129 17.01 -25.48 -30.26
CA VAL D 129 16.71 -26.33 -29.07
C VAL D 129 18.01 -26.84 -28.43
N PHE D 130 18.18 -26.57 -27.15
CA PHE D 130 19.37 -27.00 -26.43
C PHE D 130 19.03 -28.20 -25.61
N GLU D 131 19.81 -29.26 -25.78
CA GLU D 131 19.51 -30.52 -25.16
C GLU D 131 20.00 -30.57 -23.75
N PRO D 132 19.42 -31.50 -22.94
CA PRO D 132 19.72 -31.66 -21.51
C PRO D 132 21.14 -31.94 -21.24
N SER D 133 21.57 -31.62 -20.03
CA SER D 133 22.92 -31.86 -19.60
C SER D 133 23.00 -33.21 -18.92
N GLU D 134 24.05 -33.97 -19.21
CA GLU D 134 24.21 -35.28 -18.59
C GLU D 134 24.32 -35.10 -17.07
N ALA D 135 24.98 -34.01 -16.66
CA ALA D 135 25.15 -33.70 -15.24
C ALA D 135 23.80 -33.66 -14.52
N GLU D 136 22.86 -32.93 -15.09
CA GLU D 136 21.52 -32.81 -14.53
C GLU D 136 20.86 -34.19 -14.40
N ILE D 137 20.85 -34.94 -15.51
CA ILE D 137 20.23 -36.27 -15.57
C ILE D 137 20.67 -37.18 -14.42
N SER D 138 21.96 -37.42 -14.31
CA SER D 138 22.47 -38.32 -13.30
C SER D 138 22.32 -37.74 -11.88
N HIS D 139 22.08 -36.45 -11.79
CA HIS D 139 21.97 -35.78 -10.50
C HIS D 139 20.52 -35.70 -9.99
N THR D 140 19.55 -35.58 -10.91
CA THR D 140 18.13 -35.48 -10.55
C THR D 140 17.26 -36.45 -11.36
N GLN D 141 17.89 -37.28 -12.17
CA GLN D 141 17.16 -38.19 -13.06
C GLN D 141 15.93 -37.48 -13.72
N LYS D 142 16.19 -36.25 -14.19
CA LYS D 142 15.22 -35.44 -14.96
C LYS D 142 15.98 -34.76 -16.08
N ALA D 143 15.28 -34.42 -17.16
CA ALA D 143 15.92 -33.77 -18.31
C ALA D 143 15.20 -32.49 -18.68
N THR D 144 15.94 -31.38 -18.67
CA THR D 144 15.37 -30.08 -19.04
C THR D 144 15.86 -29.59 -20.39
N LEU D 145 14.98 -29.59 -21.40
CA LEU D 145 15.32 -29.05 -22.71
C LEU D 145 15.01 -27.59 -22.68
N VAL D 146 15.78 -26.79 -23.42
CA VAL D 146 15.55 -25.36 -23.48
C VAL D 146 15.43 -24.91 -24.89
N CYS D 147 14.42 -24.08 -25.16
CA CYS D 147 14.24 -23.57 -26.48
C CYS D 147 14.47 -22.11 -26.51
N LEU D 148 15.07 -21.64 -27.59
CA LEU D 148 15.46 -20.26 -27.70
C LEU D 148 15.04 -19.64 -29.05
N ALA D 149 14.10 -18.69 -28.98
CA ALA D 149 13.66 -17.95 -30.18
C ALA D 149 14.28 -16.55 -30.11
N THR D 150 15.04 -16.20 -31.13
CA THR D 150 15.76 -14.93 -31.14
C THR D 150 15.59 -14.15 -32.46
N GLY D 151 15.95 -12.86 -32.39
CA GLY D 151 16.02 -11.99 -33.56
C GLY D 151 14.73 -11.55 -34.23
N PHE D 152 13.60 -11.71 -33.57
CA PHE D 152 12.33 -11.34 -34.21
C PHE D 152 11.84 -9.91 -33.92
N TYR D 153 10.97 -9.41 -34.79
CA TYR D 153 10.38 -8.09 -34.64
C TYR D 153 9.19 -7.92 -35.58
N PRO D 154 8.04 -7.51 -35.04
CA PRO D 154 7.81 -7.20 -33.63
C PRO D 154 7.57 -8.48 -32.79
N ASP D 155 7.13 -8.32 -31.56
CA ASP D 155 6.99 -9.46 -30.64
C ASP D 155 5.64 -10.19 -30.76
N HIS D 156 5.21 -10.42 -31.99
CA HIS D 156 3.99 -11.18 -32.22
C HIS D 156 4.35 -12.65 -32.41
N VAL D 157 4.72 -13.31 -31.32
CA VAL D 157 5.08 -14.71 -31.37
C VAL D 157 4.31 -15.51 -30.34
N GLU D 158 4.28 -16.83 -30.52
CA GLU D 158 3.59 -17.73 -29.64
C GLU D 158 4.36 -19.03 -29.64
N LEU D 159 5.02 -19.34 -28.52
CA LEU D 159 5.88 -20.54 -28.44
C LEU D 159 5.16 -21.77 -27.83
N SER D 160 5.46 -22.94 -28.35
CA SER D 160 4.80 -24.15 -27.88
C SER D 160 5.67 -25.39 -28.09
N TRP D 161 5.53 -26.35 -27.19
CA TRP D 161 6.25 -27.59 -27.28
C TRP D 161 5.34 -28.69 -27.76
N TRP D 162 5.92 -29.61 -28.50
CA TRP D 162 5.18 -30.74 -29.03
C TRP D 162 6.01 -31.95 -28.85
N VAL D 163 5.46 -32.92 -28.10
CA VAL D 163 6.14 -34.19 -27.87
C VAL D 163 5.39 -35.26 -28.56
N ASN D 164 6.08 -35.97 -29.46
CA ASN D 164 5.45 -37.05 -30.24
C ASN D 164 4.19 -36.56 -30.92
N GLY D 165 4.24 -35.34 -31.45
CA GLY D 165 3.14 -34.75 -32.24
C GLY D 165 1.98 -34.14 -31.44
N LYS D 166 2.14 -34.03 -30.13
CA LYS D 166 1.09 -33.47 -29.31
C LYS D 166 1.58 -32.35 -28.46
N GLU D 167 0.86 -31.24 -28.48
CA GLU D 167 1.24 -30.08 -27.68
C GLU D 167 1.21 -30.44 -26.22
N VAL D 168 2.25 -30.04 -25.51
CA VAL D 168 2.35 -30.31 -24.11
C VAL D 168 2.40 -28.99 -23.35
N HIS D 169 1.83 -29.01 -22.15
CA HIS D 169 1.82 -27.85 -21.28
C HIS D 169 2.50 -28.21 -19.95
N SER D 170 2.24 -29.43 -19.48
CA SER D 170 2.88 -29.93 -18.27
C SER D 170 4.38 -30.01 -18.47
N GLY D 171 5.11 -29.38 -17.56
CA GLY D 171 6.57 -29.39 -17.61
C GLY D 171 7.16 -28.25 -18.42
N VAL D 172 6.35 -27.24 -18.71
CA VAL D 172 6.77 -26.16 -19.51
C VAL D 172 6.72 -24.83 -18.78
N CYS D 173 7.62 -23.94 -19.15
CA CYS D 173 7.62 -22.62 -18.61
C CYS D 173 8.19 -21.75 -19.67
N THR D 174 7.47 -20.75 -20.02
CA THR D 174 7.88 -19.83 -21.02
C THR D 174 7.91 -18.47 -20.43
N ASP D 175 8.90 -17.66 -20.83
CA ASP D 175 9.00 -16.32 -20.30
C ASP D 175 7.73 -15.61 -20.59
N PRO D 176 7.21 -14.87 -19.62
CA PRO D 176 6.04 -14.11 -19.90
C PRO D 176 6.33 -13.08 -20.96
N GLN D 177 7.39 -12.32 -20.76
CA GLN D 177 7.75 -11.25 -21.69
C GLN D 177 8.99 -11.56 -22.51
N PRO D 178 8.93 -11.31 -23.82
CA PRO D 178 10.15 -11.40 -24.56
C PRO D 178 11.04 -10.31 -24.10
N LEU D 179 12.33 -10.43 -24.34
CA LEU D 179 13.26 -9.38 -23.95
C LEU D 179 13.92 -8.74 -25.18
N LYS D 180 14.32 -7.48 -25.03
CA LYS D 180 14.96 -6.74 -26.09
C LYS D 180 16.42 -7.07 -26.15
N GLU D 181 16.89 -7.47 -27.32
CA GLU D 181 18.30 -7.83 -27.51
C GLU D 181 19.17 -6.58 -27.51
N GLN D 182 18.57 -5.43 -27.83
CA GLN D 182 19.24 -4.13 -27.77
C GLN D 182 18.29 -3.12 -27.07
N PRO D 183 18.08 -3.30 -25.75
CA PRO D 183 17.14 -2.49 -24.96
C PRO D 183 17.22 -0.98 -25.21
N ALA D 184 18.40 -0.50 -25.58
CA ALA D 184 18.59 0.92 -25.86
C ALA D 184 17.82 1.33 -27.11
N LEU D 185 18.02 0.59 -28.21
CA LEU D 185 17.39 0.93 -29.51
C LEU D 185 15.89 1.09 -29.45
N ASN D 186 15.40 2.06 -30.22
CA ASN D 186 13.99 2.40 -30.27
C ASN D 186 13.16 1.21 -30.81
N ASP D 187 13.75 0.43 -31.73
CA ASP D 187 13.06 -0.69 -32.36
C ASP D 187 13.87 -2.00 -32.28
N SER D 188 14.42 -2.29 -31.11
CA SER D 188 15.21 -3.52 -30.91
C SER D 188 14.43 -4.77 -31.22
N ARG D 189 15.15 -5.78 -31.71
CA ARG D 189 14.59 -7.04 -31.99
C ARG D 189 14.44 -7.80 -30.65
N TYR D 190 13.77 -8.95 -30.66
CA TYR D 190 13.47 -9.68 -29.37
C TYR D 190 14.01 -11.11 -29.32
N ALA D 191 14.09 -11.62 -28.11
CA ALA D 191 14.49 -13.02 -27.87
C ALA D 191 13.62 -13.60 -26.77
N LEU D 192 13.11 -14.80 -26.98
CA LEU D 192 12.23 -15.49 -26.00
C LEU D 192 12.81 -16.82 -25.67
N SER D 193 12.66 -17.25 -24.43
CA SER D 193 13.16 -18.59 -24.03
C SER D 193 12.06 -19.36 -23.38
N SER D 194 12.18 -20.70 -23.43
CA SER D 194 11.21 -21.60 -22.77
C SER D 194 11.94 -22.85 -22.26
N ARG D 195 11.34 -23.55 -21.32
CA ARG D 195 11.92 -24.77 -20.83
C ARG D 195 10.86 -25.84 -20.81
N LEU D 196 11.27 -27.06 -21.13
CA LEU D 196 10.41 -28.24 -21.08
C LEU D 196 11.17 -29.25 -20.36
N ARG D 197 10.72 -29.59 -19.17
CA ARG D 197 11.41 -30.56 -18.37
C ARG D 197 10.63 -31.83 -18.33
N VAL D 198 11.35 -32.96 -18.41
CA VAL D 198 10.72 -34.30 -18.39
C VAL D 198 11.57 -35.24 -17.57
N SER D 199 11.18 -36.52 -17.53
CA SER D 199 11.93 -37.52 -16.75
C SER D 199 13.15 -37.98 -17.53
N ALA D 200 14.23 -38.26 -16.83
CA ALA D 200 15.45 -38.71 -17.46
C ALA D 200 15.14 -39.83 -18.43
N THR D 201 14.55 -40.90 -17.89
CA THR D 201 14.23 -42.07 -18.70
C THR D 201 13.42 -41.70 -19.94
N PHE D 202 12.48 -40.76 -19.80
CA PHE D 202 11.68 -40.34 -20.93
C PHE D 202 12.59 -39.72 -22.02
N TRP D 203 13.61 -38.97 -21.59
CA TRP D 203 14.56 -38.38 -22.54
C TRP D 203 15.52 -39.41 -23.11
N GLN D 204 15.76 -40.47 -22.36
CA GLN D 204 16.70 -41.48 -22.76
C GLN D 204 16.17 -42.41 -23.85
N ASP D 205 14.86 -42.38 -24.09
CA ASP D 205 14.25 -43.21 -25.13
C ASP D 205 14.33 -42.50 -26.50
N PRO D 206 15.01 -43.12 -27.46
CA PRO D 206 15.21 -42.51 -28.78
C PRO D 206 13.94 -42.46 -29.67
N ARG D 207 12.81 -42.96 -29.17
CA ARG D 207 11.56 -42.94 -29.94
C ARG D 207 10.72 -41.72 -29.62
N ASN D 208 11.23 -40.86 -28.73
CA ASN D 208 10.51 -39.66 -28.38
C ASN D 208 11.03 -38.46 -29.13
N HIS D 209 10.12 -37.71 -29.71
CA HIS D 209 10.44 -36.59 -30.53
C HIS D 209 9.94 -35.31 -29.87
N PHE D 210 10.82 -34.32 -29.73
CA PHE D 210 10.47 -33.05 -29.10
C PHE D 210 10.66 -31.94 -30.07
N ARG D 211 9.69 -31.05 -30.17
CA ARG D 211 9.78 -29.96 -31.09
C ARG D 211 9.36 -28.61 -30.46
N CYS D 212 10.24 -27.63 -30.56
CA CYS D 212 9.92 -26.30 -30.11
C CYS D 212 9.35 -25.54 -31.30
N GLN D 213 8.15 -25.01 -31.15
CA GLN D 213 7.48 -24.34 -32.24
C GLN D 213 7.13 -22.96 -31.88
N VAL D 214 7.40 -22.04 -32.79
CA VAL D 214 7.12 -20.64 -32.59
C VAL D 214 6.31 -20.07 -33.77
N GLN D 215 5.06 -19.74 -33.53
CA GLN D 215 4.25 -19.07 -34.52
C GLN D 215 4.69 -17.63 -34.55
N PHE D 216 4.85 -17.08 -35.74
CA PHE D 216 5.25 -15.68 -35.88
C PHE D 216 4.33 -14.99 -36.83
N TYR D 217 3.98 -13.75 -36.48
CA TYR D 217 3.12 -12.94 -37.30
C TYR D 217 3.89 -11.82 -37.91
N GLY D 218 3.83 -11.72 -39.22
CA GLY D 218 4.53 -10.68 -39.96
C GLY D 218 3.59 -10.01 -40.92
N LEU D 219 3.99 -9.89 -42.17
CA LEU D 219 3.17 -9.24 -43.16
C LEU D 219 2.57 -10.23 -44.14
N SER D 220 1.52 -9.77 -44.83
CA SER D 220 0.80 -10.61 -45.77
C SER D 220 1.51 -10.66 -47.11
N GLU D 221 0.97 -11.48 -48.03
CA GLU D 221 1.57 -11.64 -49.35
C GLU D 221 1.46 -10.37 -50.19
N ASN D 222 0.40 -9.59 -49.96
CA ASN D 222 0.16 -8.37 -50.75
C ASN D 222 1.12 -7.22 -50.40
N ASP D 223 1.72 -7.27 -49.21
CA ASP D 223 2.70 -6.24 -48.81
C ASP D 223 3.95 -6.29 -49.69
N GLU D 224 4.51 -5.13 -49.98
CA GLU D 224 5.67 -5.03 -50.86
C GLU D 224 6.95 -5.42 -50.13
N TRP D 225 7.89 -6.01 -50.88
CA TRP D 225 9.17 -6.44 -50.31
C TRP D 225 10.26 -6.37 -51.40
N THR D 226 11.23 -5.47 -51.20
CA THR D 226 12.29 -5.21 -52.21
C THR D 226 13.67 -5.81 -51.87
N GLN D 227 14.03 -5.84 -50.59
CA GLN D 227 15.34 -6.37 -50.17
C GLN D 227 15.51 -7.83 -50.61
N ASP D 228 16.75 -8.19 -50.98
CA ASP D 228 17.07 -9.57 -51.36
C ASP D 228 17.28 -10.40 -50.11
N ARG D 229 16.20 -10.60 -49.36
CA ARG D 229 16.23 -11.35 -48.12
C ARG D 229 14.91 -12.07 -47.96
N ALA D 230 14.93 -13.25 -47.38
CA ALA D 230 13.71 -14.00 -47.16
C ALA D 230 12.60 -13.07 -46.67
N LYS D 231 11.58 -12.87 -47.51
CA LYS D 231 10.43 -12.05 -47.14
C LYS D 231 9.80 -12.61 -45.83
N PRO D 232 9.87 -11.85 -44.73
CA PRO D 232 9.43 -12.26 -43.38
C PRO D 232 7.90 -12.24 -43.17
N VAL D 233 7.22 -13.17 -43.80
CA VAL D 233 5.78 -13.25 -43.66
C VAL D 233 5.37 -14.05 -42.40
N THR D 234 4.10 -13.96 -42.05
CA THR D 234 3.54 -14.73 -40.96
C THR D 234 3.93 -16.15 -41.23
N GLN D 235 4.57 -16.78 -40.25
CA GLN D 235 5.07 -18.13 -40.47
C GLN D 235 5.38 -18.86 -39.15
N ILE D 236 5.78 -20.12 -39.28
CA ILE D 236 6.17 -20.92 -38.13
C ILE D 236 7.62 -21.35 -38.30
N VAL D 237 8.38 -21.28 -37.24
CA VAL D 237 9.76 -21.69 -37.26
C VAL D 237 10.02 -22.60 -36.09
N SER D 238 10.46 -23.83 -36.37
CA SER D 238 10.64 -24.84 -35.33
C SER D 238 12.03 -25.39 -35.26
N ALA D 239 12.37 -25.92 -34.11
CA ALA D 239 13.60 -26.64 -33.91
C ALA D 239 13.20 -27.95 -33.26
N GLU D 240 13.90 -29.02 -33.58
CA GLU D 240 13.55 -30.32 -33.04
C GLU D 240 14.72 -31.09 -32.49
N ALA D 241 14.43 -32.06 -31.65
CA ALA D 241 15.44 -32.90 -31.06
C ALA D 241 14.92 -34.30 -30.89
N TRP D 242 15.80 -35.20 -30.51
CA TRP D 242 15.44 -36.58 -30.30
C TRP D 242 16.10 -37.10 -29.04
N GLY D 243 15.35 -37.89 -28.26
CA GLY D 243 15.89 -38.48 -27.04
C GLY D 243 17.08 -39.37 -27.36
N ARG D 244 17.95 -39.59 -26.36
CA ARG D 244 19.19 -40.40 -26.59
C ARG D 244 19.40 -41.52 -25.56
N ALA D 245 20.04 -42.60 -26.03
CA ALA D 245 20.26 -43.83 -25.22
C ALA D 245 20.92 -43.61 -23.83
N ASP D 246 20.99 -44.72 -23.07
CA ASP D 246 21.57 -44.77 -21.68
C ASP D 246 20.44 -45.07 -20.66
#